data_5MP2
#
_entry.id   5MP2
#
_cell.length_a   40.060
_cell.length_b   63.790
_cell.length_c   76.050
_cell.angle_alpha   104.37
_cell.angle_beta   100.61
_cell.angle_gamma   108.04
#
_symmetry.space_group_name_H-M   'P 1'
#
loop_
_entity.id
_entity.type
_entity.pdbx_description
1 polymer 'Type II secretion system protein D'
2 polymer 'Camelid nanobody VHH04'
3 water water
#
loop_
_entity_poly.entity_id
_entity_poly.type
_entity_poly.pdbx_seq_one_letter_code
_entity_poly.pdbx_strand_id
1 'polypeptide(L)'
;ENSGGNAFVPAGNQQEAHWTINLKDADIREFIDQISEITGETFVVDPRVKGQVSVVSKAQLSLSEVYQLFLSVMSTHGFT
VVAQGDQARIVPNAEAKTEAGGGQSAPDRLETRVIQVQQSPVSELIPLIRPLVPQYGHLAAVPSANALIISDRSANIARI
EDVIRQLDQKGSHDYSVINLRYGWVMDAAEVLNNAMSRGQAKGAAGAQVIADARTNRLIILGPPQARAKLVQLAQSLDTP
;
A,B
2 'polypeptide(L)'
;MKYLLPTAAAGLLLLAAQPAMAQVQLVESGGGSVQAGGSLRLSCAASGNTDSSYYMGWFRQGPGKEREGVASIYIRAGIP
YYTDSVKGRFTISQDNAKNTIYLQMNSLKPEDTAMYFCAGSVRTTIQPFKGNYYNYWGRGTQVTVSSHHHHHH
;
C,D
#
# COMPACT_ATOMS: atom_id res chain seq x y z
N GLN A 15 25.86 9.69 -19.20
CA GLN A 15 25.30 9.65 -20.56
C GLN A 15 23.77 9.55 -20.57
N GLU A 16 23.20 8.85 -19.58
CA GLU A 16 21.76 8.65 -19.36
C GLU A 16 21.21 9.98 -18.84
N ALA A 17 20.21 10.58 -19.52
CA ALA A 17 19.69 11.90 -19.18
C ALA A 17 19.04 12.02 -17.79
N HIS A 18 19.49 13.00 -16.97
CA HIS A 18 18.92 13.29 -15.65
C HIS A 18 18.31 14.67 -15.59
N TRP A 19 17.05 14.73 -15.13
CA TRP A 19 16.21 15.91 -15.03
C TRP A 19 15.89 16.31 -13.60
N THR A 20 15.60 17.60 -13.38
CA THR A 20 15.24 18.13 -12.06
C THR A 20 13.95 18.94 -12.19
N ILE A 21 12.83 18.37 -11.74
CA ILE A 21 11.50 19.02 -11.75
C ILE A 21 11.29 19.84 -10.47
N ASN A 22 11.20 21.16 -10.62
CA ASN A 22 10.95 22.06 -9.50
C ASN A 22 9.78 22.98 -9.86
N LEU A 23 8.66 22.87 -9.14
CA LEU A 23 7.44 23.66 -9.37
C LEU A 23 6.88 24.19 -8.09
N LYS A 24 6.25 25.39 -8.13
CA LYS A 24 5.57 26.02 -6.98
C LYS A 24 4.21 26.56 -7.44
N ASP A 25 3.12 25.85 -7.07
CA ASP A 25 1.73 26.17 -7.44
C ASP A 25 1.56 26.31 -8.98
N ALA A 26 2.29 25.47 -9.73
CA ALA A 26 2.24 25.46 -11.19
C ALA A 26 1.03 24.68 -11.62
N ASP A 27 0.49 24.98 -12.81
CA ASP A 27 -0.69 24.29 -13.33
C ASP A 27 -0.39 22.81 -13.58
N ILE A 28 -1.36 21.93 -13.28
CA ILE A 28 -1.20 20.49 -13.50
C ILE A 28 -0.90 20.19 -14.98
N ARG A 29 -1.51 20.97 -15.90
CA ARG A 29 -1.32 20.83 -17.34
C ARG A 29 0.11 21.17 -17.76
N GLU A 30 0.79 22.06 -17.00
CA GLU A 30 2.18 22.45 -17.29
C GLU A 30 3.10 21.31 -16.88
N PHE A 31 2.78 20.65 -15.74
CA PHE A 31 3.55 19.51 -15.23
C PHE A 31 3.47 18.37 -16.25
N ILE A 32 2.27 18.14 -16.83
CA ILE A 32 2.03 17.10 -17.84
C ILE A 32 2.83 17.40 -19.11
N ASP A 33 2.89 18.68 -19.54
CA ASP A 33 3.67 19.13 -20.72
C ASP A 33 5.17 18.89 -20.48
N GLN A 34 5.62 19.09 -19.22
CA GLN A 34 7.01 18.85 -18.85
C GLN A 34 7.31 17.35 -18.86
N ILE A 35 6.40 16.51 -18.32
CA ILE A 35 6.55 15.05 -18.36
C ILE A 35 6.63 14.57 -19.82
N SER A 36 5.74 15.11 -20.69
CA SER A 36 5.70 14.81 -22.11
C SER A 36 7.02 15.27 -22.77
N GLU A 37 7.64 16.38 -22.30
CA GLU A 37 8.93 16.87 -22.83
C GLU A 37 10.08 15.92 -22.45
N ILE A 38 10.08 15.45 -21.20
CA ILE A 38 11.09 14.52 -20.68
C ILE A 38 10.92 13.12 -21.31
N THR A 39 9.81 12.42 -20.99
CA THR A 39 9.46 11.05 -21.37
C THR A 39 9.29 10.83 -22.86
N GLY A 40 8.67 11.79 -23.54
CA GLY A 40 8.41 11.69 -24.96
C GLY A 40 7.02 11.13 -25.21
N GLU A 41 6.36 10.68 -24.14
CA GLU A 41 5.01 10.11 -24.15
C GLU A 41 4.00 11.26 -24.25
N THR A 42 3.02 11.11 -25.15
CA THR A 42 1.97 12.11 -25.36
C THR A 42 0.69 11.73 -24.59
N PHE A 43 0.12 12.69 -23.85
CA PHE A 43 -1.07 12.47 -23.02
C PHE A 43 -2.32 13.21 -23.48
N VAL A 44 -3.46 12.53 -23.41
CA VAL A 44 -4.76 13.10 -23.74
C VAL A 44 -5.42 13.46 -22.40
N VAL A 45 -5.22 14.70 -21.95
CA VAL A 45 -5.72 15.18 -20.66
C VAL A 45 -7.25 15.43 -20.70
N ASP A 46 -7.99 14.78 -19.78
CA ASP A 46 -9.44 14.92 -19.63
C ASP A 46 -9.74 16.36 -19.16
N PRO A 47 -10.83 17.03 -19.64
CA PRO A 47 -11.09 18.44 -19.21
C PRO A 47 -11.34 18.63 -17.71
N ARG A 48 -11.80 17.57 -17.02
CA ARG A 48 -12.07 17.57 -15.58
C ARG A 48 -10.77 17.62 -14.76
N VAL A 49 -9.61 17.31 -15.42
CA VAL A 49 -8.26 17.36 -14.84
C VAL A 49 -7.86 18.82 -14.68
N LYS A 50 -7.86 19.29 -13.44
CA LYS A 50 -7.51 20.67 -13.10
C LYS A 50 -6.86 20.73 -11.73
N GLY A 51 -6.18 21.85 -11.45
CA GLY A 51 -5.54 22.11 -10.18
C GLY A 51 -4.14 22.71 -10.25
N GLN A 52 -3.53 22.90 -9.08
CA GLN A 52 -2.18 23.43 -8.94
C GLN A 52 -1.31 22.44 -8.17
N VAL A 53 -0.06 22.24 -8.65
CA VAL A 53 0.91 21.29 -8.13
C VAL A 53 2.21 22.01 -7.68
N SER A 54 2.86 21.52 -6.61
CA SER A 54 4.16 21.98 -6.12
C SER A 54 5.08 20.75 -6.08
N VAL A 55 6.20 20.79 -6.86
CA VAL A 55 7.16 19.69 -6.97
C VAL A 55 8.55 20.14 -6.50
N VAL A 56 9.23 19.35 -5.64
CA VAL A 56 10.57 19.71 -5.13
C VAL A 56 11.55 18.55 -5.29
N SER A 57 12.51 18.73 -6.20
CA SER A 57 13.48 17.72 -6.52
C SER A 57 14.76 17.95 -5.82
N LYS A 58 15.00 17.18 -4.74
CA LYS A 58 16.27 17.26 -4.01
C LYS A 58 17.29 16.36 -4.71
N ALA A 59 16.85 15.61 -5.73
CA ALA A 59 17.66 14.71 -6.55
C ALA A 59 17.32 14.80 -8.02
N GLN A 60 18.33 14.66 -8.87
CA GLN A 60 18.21 14.58 -10.33
C GLN A 60 17.64 13.17 -10.65
N LEU A 61 16.76 13.06 -11.64
CA LEU A 61 16.09 11.81 -12.00
C LEU A 61 16.22 11.40 -13.46
N SER A 62 16.32 10.09 -13.68
CA SER A 62 16.35 9.49 -15.01
C SER A 62 14.91 9.52 -15.59
N LEU A 63 14.75 9.20 -16.89
CA LEU A 63 13.46 9.18 -17.57
C LEU A 63 12.45 8.25 -16.91
N SER A 64 12.86 7.01 -16.57
CA SER A 64 12.01 6.04 -15.89
C SER A 64 11.59 6.58 -14.48
N GLU A 65 12.56 7.17 -13.75
CA GLU A 65 12.38 7.78 -12.42
C GLU A 65 11.42 8.98 -12.51
N VAL A 66 11.46 9.72 -13.64
CA VAL A 66 10.58 10.85 -13.89
C VAL A 66 9.15 10.34 -14.11
N TYR A 67 9.00 9.19 -14.82
CA TYR A 67 7.68 8.60 -15.06
C TYR A 67 7.03 8.09 -13.76
N GLN A 68 7.85 7.54 -12.83
CA GLN A 68 7.36 7.08 -11.54
C GLN A 68 6.92 8.27 -10.70
N LEU A 69 7.55 9.45 -10.91
CA LEU A 69 7.22 10.70 -10.23
C LEU A 69 5.87 11.20 -10.72
N PHE A 70 5.70 11.17 -12.05
CA PHE A 70 4.48 11.57 -12.74
C PHE A 70 3.25 10.83 -12.17
N LEU A 71 3.32 9.48 -12.11
CA LEU A 71 2.27 8.62 -11.55
C LEU A 71 1.96 8.97 -10.10
N SER A 72 3.00 9.27 -9.30
CA SER A 72 2.88 9.66 -7.90
C SER A 72 2.12 10.97 -7.79
N VAL A 73 2.47 11.97 -8.63
CA VAL A 73 1.78 13.26 -8.64
C VAL A 73 0.31 13.02 -9.05
N MET A 74 0.11 12.21 -10.12
CA MET A 74 -1.25 11.88 -10.62
C MET A 74 -2.12 11.30 -9.55
N SER A 75 -1.61 10.25 -8.89
CA SER A 75 -2.26 9.51 -7.79
C SER A 75 -2.63 10.44 -6.61
N THR A 76 -1.74 11.38 -6.25
CA THR A 76 -1.90 12.36 -5.17
C THR A 76 -3.07 13.31 -5.42
N HIS A 77 -3.30 13.68 -6.69
CA HIS A 77 -4.32 14.65 -7.05
C HIS A 77 -5.65 14.01 -7.50
N GLY A 78 -5.68 12.67 -7.57
CA GLY A 78 -6.87 11.91 -7.92
C GLY A 78 -7.09 11.72 -9.41
N PHE A 79 -6.04 11.27 -10.11
CA PHE A 79 -6.06 11.04 -11.55
C PHE A 79 -5.35 9.73 -11.87
N THR A 80 -5.81 9.06 -12.93
CA THR A 80 -5.25 7.79 -13.38
C THR A 80 -4.94 7.79 -14.88
N VAL A 81 -3.86 7.08 -15.26
CA VAL A 81 -3.40 6.96 -16.64
C VAL A 81 -4.02 5.72 -17.28
N VAL A 82 -4.66 5.93 -18.44
CA VAL A 82 -5.39 4.92 -19.21
C VAL A 82 -4.73 4.78 -20.59
N ALA A 83 -4.41 3.56 -21.05
CA ALA A 83 -3.83 3.34 -22.37
C ALA A 83 -4.90 2.85 -23.38
N GLN A 84 -5.76 3.79 -23.85
CA GLN A 84 -6.85 3.54 -24.80
C GLN A 84 -6.38 3.51 -26.27
N GLY A 85 -6.16 2.28 -26.76
CA GLY A 85 -5.71 1.99 -28.12
C GLY A 85 -4.34 2.57 -28.47
N ASP A 86 -3.31 2.23 -27.64
CA ASP A 86 -1.90 2.69 -27.76
C ASP A 86 -1.76 4.23 -27.59
N GLN A 87 -2.75 4.87 -26.93
CA GLN A 87 -2.77 6.30 -26.65
C GLN A 87 -3.01 6.50 -25.16
N ALA A 88 -2.08 7.20 -24.46
CA ALA A 88 -2.17 7.48 -23.02
C ALA A 88 -3.15 8.62 -22.70
N ARG A 89 -4.00 8.45 -21.67
CA ARG A 89 -5.06 9.40 -21.26
C ARG A 89 -5.20 9.52 -19.73
N ILE A 90 -5.10 10.76 -19.22
CA ILE A 90 -5.22 11.09 -17.80
C ILE A 90 -6.70 11.36 -17.49
N VAL A 91 -7.30 10.59 -16.57
CA VAL A 91 -8.72 10.67 -16.22
C VAL A 91 -8.90 10.72 -14.68
N PRO A 92 -9.88 11.51 -14.12
CA PRO A 92 -10.08 11.53 -12.65
C PRO A 92 -10.57 10.21 -12.06
N ASN A 93 -10.07 9.82 -10.85
CA ASN A 93 -10.39 8.54 -10.22
C ASN A 93 -10.87 8.58 -8.76
N ALA A 94 -11.61 7.51 -8.34
CA ALA A 94 -12.16 7.31 -7.00
C ALA A 94 -11.07 7.04 -5.97
N ALA A 106 -8.95 16.13 2.12
CA ALA A 106 -7.57 16.39 1.72
C ALA A 106 -7.18 17.92 1.73
N PRO A 107 -5.95 18.32 2.18
CA PRO A 107 -5.61 19.76 2.19
C PRO A 107 -5.59 20.38 0.81
N ASP A 108 -5.75 21.70 0.75
CA ASP A 108 -5.82 22.49 -0.48
C ASP A 108 -4.58 22.31 -1.39
N ARG A 109 -3.39 22.71 -0.90
CA ARG A 109 -2.12 22.64 -1.62
C ARG A 109 -1.16 21.62 -1.01
N LEU A 110 -0.90 20.53 -1.76
CA LEU A 110 0.02 19.47 -1.38
C LEU A 110 1.31 19.57 -2.20
N GLU A 111 2.45 19.24 -1.56
CA GLU A 111 3.78 19.26 -2.19
C GLU A 111 4.27 17.83 -2.39
N THR A 112 4.88 17.58 -3.53
CA THR A 112 5.51 16.31 -3.82
C THR A 112 7.02 16.59 -3.76
N ARG A 113 7.77 15.85 -2.94
CA ARG A 113 9.22 16.03 -2.81
C ARG A 113 9.93 14.74 -3.19
N VAL A 114 11.12 14.87 -3.83
CA VAL A 114 11.98 13.74 -4.21
C VAL A 114 13.18 13.87 -3.27
N ILE A 115 13.29 12.95 -2.31
CA ILE A 115 14.33 12.98 -1.28
C ILE A 115 15.36 11.87 -1.55
N GLN A 116 16.66 12.23 -1.54
CA GLN A 116 17.78 11.31 -1.77
C GLN A 116 18.21 10.64 -0.46
N VAL A 117 18.08 9.31 -0.36
CA VAL A 117 18.51 8.57 0.84
C VAL A 117 19.89 8.15 0.47
N GLN A 118 20.87 8.42 1.33
CA GLN A 118 22.29 8.19 1.03
C GLN A 118 22.88 6.83 1.47
N GLN A 119 22.82 6.48 2.76
CA GLN A 119 23.41 5.24 3.32
C GLN A 119 22.44 4.07 3.53
N SER A 120 21.13 4.32 3.45
CA SER A 120 20.16 3.24 3.72
C SER A 120 19.44 2.80 2.44
N PRO A 121 19.18 1.48 2.25
CA PRO A 121 18.38 1.07 1.08
C PRO A 121 16.94 1.55 1.30
N VAL A 122 16.41 2.35 0.36
CA VAL A 122 15.11 3.00 0.45
C VAL A 122 14.00 2.02 0.85
N SER A 123 13.94 0.83 0.20
CA SER A 123 12.98 -0.23 0.47
C SER A 123 12.80 -0.53 1.97
N GLU A 124 13.92 -0.49 2.76
CA GLU A 124 13.97 -0.70 4.23
C GLU A 124 13.36 0.49 5.03
N LEU A 125 13.45 1.68 4.49
CA LEU A 125 12.93 2.87 5.14
C LEU A 125 11.49 3.17 4.87
N ILE A 126 10.87 2.53 3.91
CA ILE A 126 9.50 2.85 3.62
C ILE A 126 8.55 2.55 4.72
N PRO A 127 8.68 1.39 5.34
CA PRO A 127 7.79 0.95 6.40
C PRO A 127 7.84 1.84 7.58
N LEU A 128 9.02 2.31 7.91
CA LEU A 128 9.18 3.21 8.99
C LEU A 128 8.56 4.59 8.74
N ILE A 129 8.53 4.99 7.47
CA ILE A 129 8.09 6.32 7.05
C ILE A 129 6.58 6.33 6.74
N ARG A 130 6.02 5.22 6.22
CA ARG A 130 4.58 5.12 5.91
C ARG A 130 3.69 5.56 7.09
N PRO A 131 3.98 5.17 8.38
CA PRO A 131 3.14 5.65 9.50
C PRO A 131 3.05 7.17 9.66
N LEU A 132 3.99 7.91 9.07
CA LEU A 132 3.99 9.36 9.16
C LEU A 132 3.22 10.04 8.02
N VAL A 133 3.01 9.30 6.90
CA VAL A 133 2.29 9.79 5.71
C VAL A 133 0.77 9.56 5.87
N PRO A 134 -0.09 10.61 5.79
CA PRO A 134 -1.53 10.39 5.93
C PRO A 134 -2.17 9.63 4.77
N GLN A 135 -3.48 9.33 4.92
CA GLN A 135 -4.30 8.62 3.94
C GLN A 135 -4.32 9.38 2.62
N TYR A 136 -4.49 10.73 2.69
CA TYR A 136 -4.52 11.63 1.53
C TYR A 136 -3.16 11.79 0.86
N GLY A 137 -2.10 11.51 1.62
CA GLY A 137 -0.73 11.59 1.15
C GLY A 137 -0.31 10.44 0.26
N HIS A 138 0.94 10.48 -0.20
CA HIS A 138 1.56 9.47 -1.07
C HIS A 138 3.01 9.28 -0.64
N LEU A 139 3.51 8.05 -0.77
CA LEU A 139 4.87 7.65 -0.43
C LEU A 139 5.22 6.49 -1.31
N ALA A 140 6.26 6.66 -2.11
CA ALA A 140 6.76 5.67 -3.06
C ALA A 140 8.26 5.69 -3.04
N ALA A 141 8.86 4.55 -3.44
CA ALA A 141 10.29 4.35 -3.48
C ALA A 141 10.78 4.35 -4.90
N VAL A 142 11.97 4.91 -5.15
CA VAL A 142 12.60 4.85 -6.47
C VAL A 142 13.92 4.14 -6.21
N PRO A 143 13.93 2.79 -6.18
CA PRO A 143 15.17 2.10 -5.78
C PRO A 143 16.34 2.30 -6.73
N SER A 144 16.07 2.46 -8.04
CA SER A 144 17.06 2.71 -9.10
C SER A 144 17.83 4.02 -8.85
N ALA A 145 17.23 4.97 -8.11
CA ALA A 145 17.80 6.27 -7.74
C ALA A 145 18.05 6.36 -6.22
N ASN A 146 17.61 5.34 -5.45
CA ASN A 146 17.65 5.28 -3.97
C ASN A 146 17.08 6.55 -3.37
N ALA A 147 15.85 6.89 -3.82
CA ALA A 147 15.13 8.10 -3.45
C ALA A 147 13.68 7.80 -3.06
N LEU A 148 13.07 8.73 -2.32
CA LEU A 148 11.71 8.64 -1.85
C LEU A 148 10.89 9.74 -2.48
N ILE A 149 9.66 9.43 -2.88
CA ILE A 149 8.70 10.40 -3.43
C ILE A 149 7.61 10.57 -2.36
N ILE A 150 7.54 11.74 -1.73
CA ILE A 150 6.59 12.02 -0.65
C ILE A 150 5.66 13.13 -1.00
N SER A 151 4.35 12.82 -1.01
CA SER A 151 3.32 13.81 -1.26
C SER A 151 2.59 14.06 0.06
N ASP A 152 2.66 15.31 0.57
CA ASP A 152 2.07 15.70 1.84
C ASP A 152 2.07 17.23 1.89
N ARG A 153 1.72 17.83 3.02
CA ARG A 153 1.78 19.27 3.16
C ARG A 153 3.22 19.59 3.51
N SER A 154 3.72 20.74 3.06
CA SER A 154 5.10 21.18 3.25
C SER A 154 5.63 21.08 4.68
N ALA A 155 4.79 21.44 5.70
CA ALA A 155 5.16 21.38 7.12
C ALA A 155 5.39 19.93 7.59
N ASN A 156 4.62 18.99 7.07
CA ASN A 156 4.76 17.59 7.41
C ASN A 156 5.97 17.00 6.69
N ILE A 157 6.20 17.43 5.45
CA ILE A 157 7.33 16.93 4.66
C ILE A 157 8.65 17.24 5.40
N ALA A 158 8.77 18.46 5.96
CA ALA A 158 9.93 18.90 6.74
C ALA A 158 10.17 17.99 7.93
N ARG A 159 9.08 17.49 8.56
CA ARG A 159 9.09 16.57 9.72
C ARG A 159 9.56 15.18 9.33
N ILE A 160 8.94 14.60 8.27
CA ILE A 160 9.28 13.30 7.72
C ILE A 160 10.73 13.31 7.23
N GLU A 161 11.21 14.45 6.68
CA GLU A 161 12.58 14.61 6.20
C GLU A 161 13.57 14.49 7.37
N ASP A 162 13.20 15.08 8.54
CA ASP A 162 13.97 15.04 9.78
C ASP A 162 14.02 13.61 10.33
N VAL A 163 12.96 12.79 10.11
CA VAL A 163 12.91 11.38 10.52
C VAL A 163 13.84 10.58 9.59
N ILE A 164 13.76 10.83 8.24
CA ILE A 164 14.57 10.14 7.21
C ILE A 164 16.06 10.38 7.50
N ARG A 165 16.41 11.62 7.83
CA ARG A 165 17.77 12.02 8.18
C ARG A 165 18.32 11.24 9.38
N GLN A 166 17.49 11.08 10.44
CA GLN A 166 17.84 10.35 11.68
C GLN A 166 17.96 8.87 11.41
N LEU A 167 17.10 8.33 10.55
CA LEU A 167 17.08 6.93 10.13
C LEU A 167 18.30 6.56 9.31
N ASP A 168 18.56 7.35 8.23
CA ASP A 168 19.67 7.22 7.29
C ASP A 168 21.02 6.93 7.92
N GLN A 169 21.47 7.86 8.77
CA GLN A 169 22.74 7.84 9.48
C GLN A 169 22.75 6.73 10.55
N LYS A 170 22.66 5.46 10.07
CA LYS A 170 22.67 4.23 10.88
C LYS A 170 23.10 3.00 10.04
N GLY A 171 23.09 1.83 10.69
CA GLY A 171 23.43 0.54 10.10
C GLY A 171 22.22 -0.36 9.88
N SER A 172 21.44 -0.65 10.96
CA SER A 172 20.28 -1.54 10.89
C SER A 172 18.94 -0.84 11.06
N HIS A 173 17.91 -1.40 10.41
CA HIS A 173 16.54 -0.89 10.42
C HIS A 173 15.55 -1.93 10.99
N ASP A 174 16.08 -2.89 11.77
CA ASP A 174 15.29 -3.89 12.49
C ASP A 174 14.56 -3.10 13.61
N TYR A 175 13.22 -3.22 13.64
CA TYR A 175 12.38 -2.47 14.57
C TYR A 175 11.31 -3.32 15.25
N SER A 176 10.79 -2.89 16.41
CA SER A 176 9.72 -3.55 17.16
C SER A 176 8.50 -2.62 17.16
N VAL A 177 7.30 -3.18 16.91
CA VAL A 177 6.02 -2.44 16.91
C VAL A 177 5.24 -2.80 18.17
N ILE A 178 4.83 -1.77 18.94
CA ILE A 178 4.08 -1.94 20.18
C ILE A 178 2.71 -1.29 20.08
N ASN A 179 1.65 -2.10 19.89
CA ASN A 179 0.29 -1.56 19.86
C ASN A 179 -0.12 -1.27 21.32
N LEU A 180 -0.37 0.02 21.66
CA LEU A 180 -0.71 0.49 23.02
C LEU A 180 -2.21 0.40 23.29
N ARG A 181 -2.58 -0.34 24.36
CA ARG A 181 -3.98 -0.61 24.71
C ARG A 181 -4.67 0.45 25.58
N TYR A 182 -4.00 0.99 26.59
CA TYR A 182 -4.67 1.95 27.49
C TYR A 182 -3.84 3.24 27.58
N GLY A 183 -2.58 3.20 27.16
CA GLY A 183 -1.74 4.38 27.08
C GLY A 183 -1.88 5.13 25.77
N TRP A 184 -1.49 6.41 25.78
CA TRP A 184 -1.51 7.31 24.62
C TRP A 184 -0.10 7.32 24.01
N VAL A 185 -0.04 7.00 22.71
CA VAL A 185 1.20 6.89 21.95
C VAL A 185 2.11 8.11 22.14
N MET A 186 1.58 9.35 21.99
CA MET A 186 2.36 10.57 22.10
C MET A 186 2.90 10.84 23.49
N ASP A 187 2.24 10.27 24.53
CA ASP A 187 2.69 10.34 25.92
C ASP A 187 3.88 9.42 26.08
N ALA A 188 3.73 8.17 25.60
CA ALA A 188 4.77 7.14 25.66
C ALA A 188 6.01 7.50 24.85
N ALA A 189 5.81 8.12 23.66
CA ALA A 189 6.89 8.54 22.77
C ALA A 189 7.70 9.66 23.43
N GLU A 190 6.99 10.67 24.03
CA GLU A 190 7.55 11.84 24.75
C GLU A 190 8.33 11.45 25.99
N VAL A 191 7.89 10.37 26.64
CA VAL A 191 8.50 9.78 27.81
C VAL A 191 9.75 8.95 27.44
N LEU A 192 9.62 8.01 26.46
CA LEU A 192 10.73 7.16 25.99
C LEU A 192 11.90 7.96 25.41
N ASN A 193 11.62 9.03 24.66
CA ASN A 193 12.67 9.86 24.10
C ASN A 193 13.31 10.72 25.18
N ASN A 194 12.52 11.04 26.20
CA ASN A 194 12.97 11.87 27.35
C ASN A 194 13.87 11.06 28.27
N ALA A 195 13.65 9.73 28.32
CA ALA A 195 14.45 8.77 29.10
C ALA A 195 15.78 8.59 28.34
N MET A 196 15.71 8.61 26.99
CA MET A 196 16.80 8.50 26.02
C MET A 196 17.78 9.70 26.12
N SER A 197 17.23 10.94 26.03
CA SER A 197 17.95 12.22 26.06
C SER A 197 18.58 12.52 27.40
N ARG A 198 17.90 12.15 28.51
CA ARG A 198 18.40 12.34 29.88
C ARG A 198 19.76 11.64 30.09
N GLY A 199 19.94 10.47 29.45
CA GLY A 199 21.15 9.68 29.51
C GLY A 199 21.21 8.42 28.66
N GLN A 200 22.44 8.08 28.25
CA GLN A 200 22.79 6.89 27.47
C GLN A 200 24.25 6.55 27.80
N ALA A 201 24.59 5.26 27.75
CA ALA A 201 25.90 4.68 28.08
C ALA A 201 27.08 5.21 27.25
N LYS A 202 28.33 4.89 27.69
CA LYS A 202 29.60 5.23 27.03
C LYS A 202 29.65 4.68 25.59
N GLY A 203 28.97 3.54 25.37
CA GLY A 203 28.83 2.87 24.08
C GLY A 203 27.73 3.51 23.25
N ALA A 204 27.96 3.54 21.92
CA ALA A 204 27.02 4.14 20.98
C ALA A 204 25.91 3.17 20.56
N ALA A 205 24.69 3.36 21.11
CA ALA A 205 23.51 2.55 20.79
C ALA A 205 22.26 3.47 20.67
N GLY A 206 22.31 4.35 19.67
CA GLY A 206 21.23 5.31 19.39
C GLY A 206 19.94 4.63 19.00
N ALA A 207 18.93 4.75 19.85
CA ALA A 207 17.63 4.14 19.56
C ALA A 207 16.67 5.23 19.07
N GLN A 208 15.57 4.83 18.42
CA GLN A 208 14.62 5.78 17.86
C GLN A 208 13.19 5.41 18.15
N VAL A 209 12.37 6.40 18.46
CA VAL A 209 10.97 6.16 18.69
C VAL A 209 10.21 6.92 17.61
N ILE A 210 9.34 6.18 16.89
CA ILE A 210 8.44 6.69 15.86
C ILE A 210 7.02 6.42 16.40
N ALA A 211 6.21 7.49 16.60
CA ALA A 211 4.84 7.38 17.15
C ALA A 211 3.77 7.42 16.06
N ASP A 212 3.00 6.33 15.92
CA ASP A 212 1.92 6.25 14.94
C ASP A 212 0.61 6.50 15.71
N ALA A 213 0.15 7.77 15.69
CA ALA A 213 -1.06 8.18 16.40
C ALA A 213 -2.28 7.50 15.82
N ARG A 214 -2.35 7.41 14.46
CA ARG A 214 -3.44 6.79 13.70
C ARG A 214 -3.85 5.39 14.22
N THR A 215 -2.86 4.66 14.72
CA THR A 215 -3.05 3.30 15.17
C THR A 215 -2.62 3.04 16.59
N ASN A 216 -2.19 4.10 17.27
CA ASN A 216 -1.74 4.08 18.65
C ASN A 216 -0.58 3.21 18.98
N ARG A 217 0.44 3.22 18.15
CA ARG A 217 1.58 2.40 18.42
C ARG A 217 2.90 3.07 18.26
N LEU A 218 3.89 2.47 18.88
CA LEU A 218 5.23 2.93 18.85
C LEU A 218 6.07 1.96 18.08
N ILE A 219 6.94 2.48 17.25
CA ILE A 219 7.84 1.66 16.51
C ILE A 219 9.13 1.90 17.21
N ILE A 220 9.79 0.85 17.67
CA ILE A 220 11.05 1.01 18.36
C ILE A 220 12.17 0.52 17.49
N LEU A 221 13.21 1.34 17.41
CA LEU A 221 14.37 1.10 16.57
C LEU A 221 15.69 1.18 17.29
N GLY A 222 16.68 0.57 16.67
CA GLY A 222 18.02 0.59 17.21
C GLY A 222 18.61 -0.80 17.28
N PRO A 223 19.75 -0.89 17.96
CA PRO A 223 20.32 -2.24 18.18
C PRO A 223 19.37 -3.24 18.87
N PRO A 224 19.46 -4.55 18.52
CA PRO A 224 18.52 -5.55 19.10
C PRO A 224 18.46 -5.62 20.62
N GLN A 225 19.63 -5.50 21.27
CA GLN A 225 19.70 -5.54 22.73
C GLN A 225 19.04 -4.30 23.34
N ALA A 226 19.41 -3.10 22.82
CA ALA A 226 18.91 -1.80 23.26
C ALA A 226 17.38 -1.69 23.15
N ARG A 227 16.83 -2.14 21.99
CA ARG A 227 15.41 -2.14 21.64
C ARG A 227 14.54 -2.83 22.70
N ALA A 228 14.84 -4.13 23.01
CA ALA A 228 14.15 -4.96 23.99
C ALA A 228 13.99 -4.23 25.32
N LYS A 229 15.00 -3.43 25.70
CA LYS A 229 14.91 -2.64 26.93
C LYS A 229 13.82 -1.56 26.80
N LEU A 230 13.89 -0.77 25.73
CA LEU A 230 12.96 0.32 25.44
C LEU A 230 11.51 -0.20 25.28
N VAL A 231 11.34 -1.44 24.77
CA VAL A 231 10.04 -2.11 24.58
C VAL A 231 9.33 -2.28 25.93
N GLN A 232 10.07 -2.80 26.92
CA GLN A 232 9.58 -3.01 28.29
C GLN A 232 9.18 -1.70 28.95
N LEU A 233 9.94 -0.59 28.70
CA LEU A 233 9.64 0.73 29.26
C LEU A 233 8.32 1.28 28.76
N ALA A 234 7.96 0.97 27.50
CA ALA A 234 6.70 1.37 26.90
C ALA A 234 5.52 0.60 27.52
N GLN A 235 5.70 -0.72 27.79
CA GLN A 235 4.68 -1.59 28.38
C GLN A 235 4.28 -1.19 29.81
N SER A 236 5.25 -0.62 30.57
CA SER A 236 5.04 -0.14 31.95
C SER A 236 4.17 1.11 32.02
N LEU A 237 4.19 1.96 30.95
CA LEU A 237 3.38 3.17 30.85
C LEU A 237 1.98 2.87 30.28
N ASP A 238 1.78 1.70 29.61
CA ASP A 238 0.50 1.30 28.96
C ASP A 238 -0.72 1.27 29.90
N THR A 239 -0.52 1.09 31.24
CA THR A 239 -1.57 1.04 32.28
C THR A 239 -2.66 0.03 31.95
N GLU B 16 -30.93 -2.54 4.47
CA GLU B 16 -29.90 -3.48 4.91
C GLU B 16 -29.70 -4.72 4.00
N ALA B 17 -29.76 -4.56 2.67
CA ALA B 17 -29.58 -5.69 1.75
C ALA B 17 -28.12 -6.25 1.72
N HIS B 18 -27.99 -7.58 1.94
CA HIS B 18 -26.71 -8.28 1.87
C HIS B 18 -26.74 -9.34 0.79
N TRP B 19 -25.71 -9.30 -0.08
CA TRP B 19 -25.51 -10.16 -1.24
C TRP B 19 -24.33 -11.10 -1.10
N THR B 20 -24.38 -12.25 -1.82
CA THR B 20 -23.29 -13.23 -1.80
C THR B 20 -22.91 -13.57 -3.23
N ILE B 21 -21.76 -13.03 -3.69
CA ILE B 21 -21.22 -13.27 -5.03
C ILE B 21 -20.33 -14.53 -5.04
N ASN B 22 -20.75 -15.58 -5.72
CA ASN B 22 -19.98 -16.81 -5.87
C ASN B 22 -19.92 -17.17 -7.35
N LEU B 23 -18.73 -17.18 -7.92
CA LEU B 23 -18.49 -17.47 -9.31
C LEU B 23 -17.31 -18.37 -9.52
N LYS B 24 -17.36 -19.15 -10.59
CA LYS B 24 -16.24 -19.98 -10.99
C LYS B 24 -16.11 -19.85 -12.47
N ASP B 25 -15.04 -19.23 -12.94
CA ASP B 25 -14.75 -19.08 -14.35
C ASP B 25 -15.91 -18.49 -15.09
N ALA B 26 -16.56 -17.54 -14.47
CA ALA B 26 -17.71 -16.86 -15.06
C ALA B 26 -17.19 -15.68 -15.88
N ASP B 27 -17.95 -15.28 -16.92
CA ASP B 27 -17.56 -14.15 -17.78
C ASP B 27 -17.51 -12.85 -16.97
N ILE B 28 -16.51 -12.01 -17.27
CA ILE B 28 -16.34 -10.69 -16.62
C ILE B 28 -17.62 -9.86 -16.82
N ARG B 29 -18.23 -9.94 -18.02
CA ARG B 29 -19.46 -9.21 -18.36
C ARG B 29 -20.65 -9.63 -17.51
N GLU B 30 -20.67 -10.91 -17.03
CA GLU B 30 -21.74 -11.43 -16.17
C GLU B 30 -21.58 -10.85 -14.78
N PHE B 31 -20.32 -10.73 -14.31
CA PHE B 31 -20.00 -10.16 -13.02
C PHE B 31 -20.44 -8.69 -12.98
N ILE B 32 -20.19 -7.94 -14.09
CA ILE B 32 -20.57 -6.54 -14.24
C ILE B 32 -22.10 -6.38 -14.21
N ASP B 33 -22.84 -7.31 -14.88
CA ASP B 33 -24.31 -7.33 -14.90
C ASP B 33 -24.85 -7.57 -13.48
N GLN B 34 -24.17 -8.44 -12.71
CA GLN B 34 -24.54 -8.71 -11.31
C GLN B 34 -24.28 -7.48 -10.46
N ILE B 35 -23.13 -6.81 -10.61
CA ILE B 35 -22.80 -5.57 -9.88
C ILE B 35 -23.86 -4.50 -10.18
N SER B 36 -24.22 -4.35 -11.48
CA SER B 36 -25.26 -3.43 -11.93
C SER B 36 -26.62 -3.79 -11.32
N GLU B 37 -26.89 -5.10 -11.11
CA GLU B 37 -28.15 -5.56 -10.49
C GLU B 37 -28.21 -5.19 -9.01
N ILE B 38 -27.07 -5.29 -8.31
CA ILE B 38 -26.94 -5.01 -6.89
C ILE B 38 -26.94 -3.50 -6.65
N THR B 39 -25.87 -2.84 -7.11
CA THR B 39 -25.57 -1.41 -6.95
C THR B 39 -26.62 -0.49 -7.55
N GLY B 40 -27.11 -0.86 -8.72
CA GLY B 40 -28.07 -0.05 -9.46
C GLY B 40 -27.37 0.85 -10.45
N GLU B 41 -26.01 0.91 -10.35
CA GLU B 41 -25.15 1.71 -11.22
C GLU B 41 -25.03 1.02 -12.57
N THR B 42 -25.17 1.79 -13.66
CA THR B 42 -25.08 1.30 -15.04
C THR B 42 -23.66 1.56 -15.59
N PHE B 43 -23.04 0.53 -16.20
CA PHE B 43 -21.67 0.59 -16.72
C PHE B 43 -21.57 0.49 -18.23
N VAL B 44 -20.71 1.32 -18.83
CA VAL B 44 -20.44 1.30 -20.27
C VAL B 44 -19.13 0.53 -20.45
N VAL B 45 -19.24 -0.80 -20.65
CA VAL B 45 -18.10 -1.70 -20.79
C VAL B 45 -17.40 -1.53 -22.15
N ASP B 46 -16.09 -1.21 -22.11
CA ASP B 46 -15.24 -1.07 -23.30
C ASP B 46 -15.12 -2.45 -23.99
N PRO B 47 -15.10 -2.55 -25.33
CA PRO B 47 -15.03 -3.88 -25.96
C PRO B 47 -13.77 -4.68 -25.68
N ARG B 48 -12.67 -3.98 -25.33
CA ARG B 48 -11.40 -4.61 -25.00
C ARG B 48 -11.47 -5.35 -23.64
N VAL B 49 -12.52 -5.06 -22.83
CA VAL B 49 -12.79 -5.69 -21.52
C VAL B 49 -13.31 -7.11 -21.76
N LYS B 50 -12.45 -8.11 -21.52
CA LYS B 50 -12.82 -9.52 -21.72
C LYS B 50 -12.06 -10.40 -20.73
N GLY B 51 -12.55 -11.63 -20.54
CA GLY B 51 -11.93 -12.60 -19.65
C GLY B 51 -12.86 -13.39 -18.76
N GLN B 52 -12.28 -14.22 -17.87
CA GLN B 52 -13.02 -15.05 -16.92
C GLN B 52 -12.58 -14.75 -15.48
N VAL B 53 -13.56 -14.68 -14.57
CA VAL B 53 -13.38 -14.35 -13.15
C VAL B 53 -13.91 -15.46 -12.23
N SER B 54 -13.25 -15.69 -11.08
CA SER B 54 -13.66 -16.63 -10.03
C SER B 54 -13.77 -15.84 -8.73
N VAL B 55 -14.97 -15.85 -8.11
CA VAL B 55 -15.26 -15.13 -6.86
C VAL B 55 -15.77 -16.13 -5.84
N VAL B 56 -15.32 -15.99 -4.58
CA VAL B 56 -15.70 -16.83 -3.43
C VAL B 56 -16.07 -15.87 -2.28
N SER B 57 -17.36 -15.80 -1.94
CA SER B 57 -17.84 -14.94 -0.86
C SER B 57 -18.04 -15.72 0.44
N LYS B 58 -17.04 -15.68 1.35
CA LYS B 58 -17.16 -16.37 2.64
C LYS B 58 -18.04 -15.54 3.59
N ALA B 59 -18.41 -14.33 3.14
CA ALA B 59 -19.23 -13.37 3.86
C ALA B 59 -20.25 -12.73 2.93
N GLN B 60 -21.44 -12.47 3.46
CA GLN B 60 -22.52 -11.72 2.81
C GLN B 60 -22.07 -10.22 2.85
N LEU B 61 -22.36 -9.46 1.77
CA LEU B 61 -21.88 -8.09 1.68
C LEU B 61 -22.95 -7.07 1.37
N SER B 62 -22.75 -5.88 1.89
CA SER B 62 -23.57 -4.69 1.72
C SER B 62 -23.31 -4.10 0.34
N LEU B 63 -24.16 -3.20 -0.12
CA LEU B 63 -23.96 -2.66 -1.44
C LEU B 63 -22.67 -1.94 -1.61
N SER B 64 -22.29 -1.13 -0.65
CA SER B 64 -21.03 -0.43 -0.72
C SER B 64 -19.90 -1.42 -0.67
N GLU B 65 -20.04 -2.42 0.18
CA GLU B 65 -19.06 -3.52 0.29
C GLU B 65 -18.96 -4.28 -1.04
N VAL B 66 -20.08 -4.40 -1.78
CA VAL B 66 -20.15 -5.05 -3.09
C VAL B 66 -19.41 -4.17 -4.11
N TYR B 67 -19.55 -2.82 -4.01
CA TYR B 67 -18.88 -1.89 -4.91
C TYR B 67 -17.36 -1.93 -4.72
N GLN B 68 -16.91 -2.08 -3.45
CA GLN B 68 -15.47 -2.17 -3.14
C GLN B 68 -14.90 -3.48 -3.68
N LEU B 69 -15.74 -4.52 -3.77
CA LEU B 69 -15.38 -5.83 -4.33
C LEU B 69 -15.19 -5.71 -5.81
N PHE B 70 -16.16 -5.04 -6.47
CA PHE B 70 -16.17 -4.77 -7.91
C PHE B 70 -14.86 -4.10 -8.36
N LEU B 71 -14.47 -2.99 -7.69
CA LEU B 71 -13.23 -2.26 -7.94
C LEU B 71 -12.00 -3.16 -7.80
N SER B 72 -12.00 -4.02 -6.77
CA SER B 72 -10.92 -4.96 -6.49
C SER B 72 -10.80 -5.97 -7.62
N VAL B 73 -11.93 -6.52 -8.09
CA VAL B 73 -11.95 -7.45 -9.22
C VAL B 73 -11.45 -6.72 -10.48
N MET B 74 -11.98 -5.52 -10.78
CA MET B 74 -11.57 -4.69 -11.92
C MET B 74 -10.06 -4.39 -11.92
N SER B 75 -9.50 -3.98 -10.76
CA SER B 75 -8.08 -3.69 -10.54
C SER B 75 -7.19 -4.95 -10.80
N THR B 76 -7.64 -6.13 -10.33
CA THR B 76 -6.97 -7.42 -10.45
C THR B 76 -6.82 -7.84 -11.91
N HIS B 77 -7.81 -7.54 -12.74
CA HIS B 77 -7.82 -7.98 -14.14
C HIS B 77 -7.31 -6.91 -15.14
N GLY B 78 -6.97 -5.73 -14.61
CA GLY B 78 -6.43 -4.63 -15.40
C GLY B 78 -7.46 -3.75 -16.06
N PHE B 79 -8.46 -3.30 -15.27
CA PHE B 79 -9.53 -2.43 -15.73
C PHE B 79 -9.80 -1.34 -14.71
N THR B 80 -10.13 -0.14 -15.18
CA THR B 80 -10.44 1.00 -14.32
C THR B 80 -11.79 1.65 -14.66
N VAL B 81 -12.46 2.16 -13.62
CA VAL B 81 -13.75 2.82 -13.73
C VAL B 81 -13.56 4.32 -13.92
N VAL B 82 -14.21 4.85 -14.96
CA VAL B 82 -14.15 6.24 -15.38
C VAL B 82 -15.56 6.84 -15.30
N ALA B 83 -15.72 7.98 -14.61
CA ALA B 83 -17.04 8.64 -14.49
C ALA B 83 -17.12 9.84 -15.44
N GLN B 84 -17.31 9.54 -16.75
CA GLN B 84 -17.42 10.53 -17.85
C GLN B 84 -18.83 11.15 -17.96
N GLY B 85 -18.98 12.33 -17.34
CA GLY B 85 -20.23 13.10 -17.29
C GLY B 85 -21.39 12.39 -16.62
N ASP B 86 -21.20 11.96 -15.34
CA ASP B 86 -22.16 11.21 -14.50
C ASP B 86 -22.54 9.83 -15.10
N GLN B 87 -21.66 9.28 -15.97
CA GLN B 87 -21.84 7.98 -16.61
C GLN B 87 -20.58 7.14 -16.37
N ALA B 88 -20.73 5.98 -15.71
CA ALA B 88 -19.62 5.09 -15.38
C ALA B 88 -19.19 4.22 -16.57
N ARG B 89 -17.86 4.09 -16.78
CA ARG B 89 -17.25 3.35 -17.90
C ARG B 89 -16.00 2.55 -17.50
N ILE B 90 -16.01 1.22 -17.76
CA ILE B 90 -14.90 0.29 -17.46
C ILE B 90 -13.97 0.28 -18.67
N VAL B 91 -12.69 0.64 -18.46
CA VAL B 91 -11.65 0.76 -19.50
C VAL B 91 -10.37 0.00 -19.08
N PRO B 92 -9.64 -0.69 -20.01
CA PRO B 92 -8.39 -1.37 -19.61
C PRO B 92 -7.21 -0.45 -19.26
N ASN B 93 -6.22 -1.05 -18.53
CA ASN B 93 -4.95 -0.48 -18.09
C ASN B 93 -3.77 -1.18 -18.79
N ALA B 94 -2.56 -0.60 -18.65
CA ALA B 94 -1.32 -1.14 -19.21
C ALA B 94 -0.12 -0.63 -18.42
N PRO B 107 -0.28 -15.54 -14.06
CA PRO B 107 -1.51 -16.25 -14.44
C PRO B 107 -2.77 -15.41 -14.19
N ASP B 108 -3.69 -15.29 -15.18
CA ASP B 108 -4.93 -14.51 -15.04
C ASP B 108 -6.14 -15.37 -14.60
N ARG B 109 -5.87 -16.66 -14.24
CA ARG B 109 -6.87 -17.58 -13.66
C ARG B 109 -6.70 -17.37 -12.15
N LEU B 110 -7.07 -16.16 -11.72
CA LEU B 110 -6.99 -15.65 -10.37
C LEU B 110 -8.35 -15.65 -9.70
N GLU B 111 -8.36 -15.95 -8.41
CA GLU B 111 -9.54 -16.00 -7.56
C GLU B 111 -9.60 -14.75 -6.68
N THR B 112 -10.82 -14.23 -6.46
CA THR B 112 -11.06 -13.07 -5.59
C THR B 112 -11.90 -13.57 -4.41
N ARG B 113 -11.34 -13.58 -3.22
CA ARG B 113 -12.06 -14.09 -2.06
C ARG B 113 -12.40 -13.00 -1.06
N VAL B 114 -13.59 -13.10 -0.44
CA VAL B 114 -14.06 -12.20 0.61
C VAL B 114 -14.01 -13.06 1.90
N ILE B 115 -13.03 -12.75 2.76
CA ILE B 115 -12.79 -13.49 3.99
C ILE B 115 -13.23 -12.66 5.20
N GLN B 116 -14.02 -13.29 6.09
CA GLN B 116 -14.55 -12.68 7.32
C GLN B 116 -13.54 -12.82 8.47
N VAL B 117 -13.01 -11.69 8.98
CA VAL B 117 -12.08 -11.71 10.11
C VAL B 117 -12.99 -11.50 11.31
N GLN B 118 -12.94 -12.40 12.31
CA GLN B 118 -13.90 -12.38 13.41
C GLN B 118 -13.47 -11.54 14.65
N GLN B 119 -12.32 -11.85 15.30
CA GLN B 119 -11.86 -11.21 16.54
C GLN B 119 -10.83 -10.07 16.36
N SER B 120 -10.23 -9.94 15.17
CA SER B 120 -9.22 -8.91 14.96
C SER B 120 -9.70 -7.78 14.06
N PRO B 121 -9.38 -6.50 14.37
CA PRO B 121 -9.75 -5.41 13.44
C PRO B 121 -8.90 -5.57 12.16
N VAL B 122 -9.58 -5.70 11.01
CA VAL B 122 -8.97 -5.94 9.70
C VAL B 122 -7.78 -5.02 9.41
N SER B 123 -7.89 -3.74 9.75
CA SER B 123 -6.81 -2.79 9.43
C SER B 123 -5.46 -3.19 10.01
N GLU B 124 -5.46 -3.68 11.25
CA GLU B 124 -4.22 -4.12 11.88
C GLU B 124 -3.64 -5.30 11.11
N LEU B 125 -4.52 -6.15 10.60
CA LEU B 125 -4.16 -7.35 9.88
C LEU B 125 -3.49 -7.20 8.55
N ILE B 126 -3.82 -6.18 7.80
CA ILE B 126 -3.24 -6.01 6.46
C ILE B 126 -1.71 -5.90 6.42
N PRO B 127 -1.11 -5.14 7.34
CA PRO B 127 0.37 -5.10 7.29
C PRO B 127 0.96 -6.51 7.31
N LEU B 128 0.39 -7.39 8.13
CA LEU B 128 0.85 -8.76 8.22
C LEU B 128 0.53 -9.70 7.05
N ILE B 129 -0.49 -9.40 6.28
CA ILE B 129 -0.96 -10.22 5.17
C ILE B 129 -0.38 -9.73 3.83
N ARG B 130 -0.17 -8.39 3.67
CA ARG B 130 0.38 -7.84 2.43
C ARG B 130 1.67 -8.57 1.96
N PRO B 131 2.63 -8.90 2.87
CA PRO B 131 3.83 -9.65 2.44
C PRO B 131 3.57 -10.97 1.74
N LEU B 132 2.39 -11.56 1.95
CA LEU B 132 2.04 -12.85 1.36
C LEU B 132 1.39 -12.71 -0.02
N VAL B 133 0.79 -11.53 -0.30
CA VAL B 133 0.12 -11.22 -1.57
C VAL B 133 1.14 -10.74 -2.63
N PRO B 134 1.27 -11.42 -3.81
CA PRO B 134 2.23 -10.98 -4.83
C PRO B 134 1.88 -9.67 -5.50
N GLN B 135 2.80 -9.19 -6.37
CA GLN B 135 2.68 -7.95 -7.13
C GLN B 135 1.42 -7.99 -8.02
N TYR B 136 1.18 -9.13 -8.69
CA TYR B 136 0.02 -9.35 -9.57
C TYR B 136 -1.30 -9.48 -8.78
N GLY B 137 -1.19 -9.82 -7.50
CA GLY B 137 -2.32 -9.96 -6.59
C GLY B 137 -2.90 -8.63 -6.12
N HIS B 138 -3.97 -8.72 -5.31
CA HIS B 138 -4.69 -7.60 -4.74
C HIS B 138 -5.09 -7.94 -3.31
N LEU B 139 -5.09 -6.92 -2.43
CA LEU B 139 -5.47 -7.05 -1.02
C LEU B 139 -6.06 -5.73 -0.58
N ALA B 140 -7.30 -5.77 -0.11
CA ALA B 140 -8.05 -4.60 0.33
C ALA B 140 -8.79 -4.93 1.60
N ALA B 141 -9.10 -3.92 2.43
CA ALA B 141 -9.84 -4.06 3.69
C ALA B 141 -11.26 -3.53 3.53
N VAL B 142 -12.26 -4.21 4.12
CA VAL B 142 -13.64 -3.71 4.13
C VAL B 142 -13.95 -3.56 5.60
N PRO B 143 -13.59 -2.43 6.23
CA PRO B 143 -13.77 -2.31 7.68
C PRO B 143 -15.22 -2.36 8.15
N SER B 144 -16.15 -1.82 7.33
CA SER B 144 -17.61 -1.82 7.59
C SER B 144 -18.17 -3.24 7.74
N ALA B 145 -17.50 -4.23 7.12
CA ALA B 145 -17.86 -5.64 7.17
C ALA B 145 -16.82 -6.47 7.93
N ASN B 146 -15.68 -5.84 8.34
CA ASN B 146 -14.50 -6.45 8.98
C ASN B 146 -14.05 -7.68 8.19
N ALA B 147 -13.84 -7.47 6.87
CA ALA B 147 -13.47 -8.50 5.90
C ALA B 147 -12.29 -8.10 4.99
N LEU B 148 -11.64 -9.11 4.37
CA LEU B 148 -10.52 -8.93 3.45
C LEU B 148 -10.84 -9.35 2.02
N ILE B 149 -10.52 -8.49 1.07
CA ILE B 149 -10.67 -8.83 -0.31
C ILE B 149 -9.28 -9.13 -0.81
N ILE B 150 -9.01 -10.38 -1.16
CA ILE B 150 -7.72 -10.80 -1.66
C ILE B 150 -7.83 -11.49 -3.01
N SER B 151 -6.98 -11.11 -3.94
CA SER B 151 -6.98 -11.74 -5.23
C SER B 151 -5.64 -12.44 -5.38
N ASP B 152 -5.65 -13.72 -5.73
CA ASP B 152 -4.43 -14.50 -5.87
C ASP B 152 -4.77 -15.77 -6.59
N ARG B 153 -3.85 -16.72 -6.57
CA ARG B 153 -4.08 -18.07 -7.07
C ARG B 153 -4.78 -18.85 -5.94
N SER B 154 -5.79 -19.68 -6.27
CA SER B 154 -6.57 -20.47 -5.30
C SER B 154 -5.75 -21.20 -4.23
N ALA B 155 -4.61 -21.83 -4.63
CA ALA B 155 -3.72 -22.55 -3.72
C ALA B 155 -3.04 -21.61 -2.72
N ASN B 156 -2.68 -20.38 -3.15
CA ASN B 156 -2.07 -19.35 -2.29
C ASN B 156 -3.12 -18.71 -1.39
N ILE B 157 -4.39 -18.61 -1.86
CA ILE B 157 -5.48 -18.06 -1.05
C ILE B 157 -5.71 -18.96 0.17
N ALA B 158 -5.73 -20.30 -0.04
CA ALA B 158 -5.91 -21.30 1.00
C ALA B 158 -4.84 -21.17 2.08
N ARG B 159 -3.59 -20.81 1.68
CA ARG B 159 -2.43 -20.61 2.56
C ARG B 159 -2.61 -19.33 3.36
N ILE B 160 -3.02 -18.22 2.69
CA ILE B 160 -3.28 -16.91 3.28
C ILE B 160 -4.42 -16.97 4.33
N GLU B 161 -5.49 -17.75 4.05
CA GLU B 161 -6.60 -17.91 5.02
C GLU B 161 -6.16 -18.68 6.22
N ASP B 162 -5.20 -19.63 6.04
CA ASP B 162 -4.62 -20.37 7.17
C ASP B 162 -3.77 -19.40 8.02
N VAL B 163 -3.16 -18.36 7.40
CA VAL B 163 -2.39 -17.33 8.10
C VAL B 163 -3.37 -16.42 8.85
N ILE B 164 -4.47 -15.98 8.18
CA ILE B 164 -5.51 -15.09 8.77
C ILE B 164 -6.11 -15.75 10.00
N ARG B 165 -6.42 -17.06 9.89
CA ARG B 165 -6.96 -17.88 10.97
C ARG B 165 -6.03 -17.90 12.19
N GLN B 166 -4.71 -18.09 11.97
CA GLN B 166 -3.67 -18.14 13.03
C GLN B 166 -3.51 -16.79 13.68
N LEU B 167 -3.58 -15.72 12.87
CA LEU B 167 -3.48 -14.34 13.34
C LEU B 167 -4.68 -13.92 14.19
N ASP B 168 -5.91 -14.16 13.67
CA ASP B 168 -7.22 -13.84 14.28
C ASP B 168 -7.30 -14.14 15.78
N GLN B 169 -6.71 -15.25 16.25
CA GLN B 169 -6.67 -15.67 17.67
C GLN B 169 -6.13 -14.58 18.63
N LYS B 170 -4.83 -14.19 18.45
CA LYS B 170 -4.08 -13.18 19.24
C LYS B 170 -4.80 -11.82 19.38
N GLY B 171 -4.61 -11.17 20.53
CA GLY B 171 -5.24 -9.88 20.88
C GLY B 171 -4.67 -8.66 20.17
N SER B 172 -3.43 -8.27 20.54
CA SER B 172 -2.72 -7.14 19.93
C SER B 172 -1.46 -7.69 19.26
N HIS B 173 -1.42 -7.59 17.92
CA HIS B 173 -0.34 -8.12 17.11
C HIS B 173 0.89 -7.22 17.12
N ASP B 174 1.67 -7.34 18.20
CA ASP B 174 2.96 -6.69 18.35
C ASP B 174 3.97 -7.59 17.61
N TYR B 175 4.78 -7.01 16.73
CA TYR B 175 5.75 -7.77 15.96
C TYR B 175 7.13 -7.19 16.00
N SER B 176 8.11 -7.99 15.56
CA SER B 176 9.49 -7.59 15.41
C SER B 176 9.81 -7.83 13.95
N VAL B 177 10.47 -6.86 13.33
CA VAL B 177 10.86 -6.91 11.92
C VAL B 177 12.37 -7.09 11.83
N ILE B 178 12.82 -8.12 11.08
CA ILE B 178 14.23 -8.45 10.87
C ILE B 178 14.61 -8.31 9.41
N ASN B 179 15.30 -7.24 9.04
CA ASN B 179 15.76 -7.05 7.66
C ASN B 179 17.01 -7.97 7.48
N LEU B 180 16.90 -8.96 6.58
CA LEU B 180 17.93 -9.98 6.31
C LEU B 180 18.95 -9.52 5.30
N ARG B 181 20.25 -9.53 5.69
CA ARG B 181 21.40 -9.06 4.90
C ARG B 181 22.04 -10.11 3.99
N TYR B 182 22.40 -11.32 4.53
CA TYR B 182 23.01 -12.44 3.78
C TYR B 182 21.97 -13.46 3.32
N GLY B 183 21.01 -13.75 4.20
CA GLY B 183 20.02 -14.79 3.99
C GLY B 183 18.84 -14.42 3.13
N TRP B 184 18.16 -15.43 2.61
CA TRP B 184 16.95 -15.31 1.81
C TRP B 184 15.76 -15.52 2.74
N VAL B 185 14.85 -14.53 2.76
CA VAL B 185 13.67 -14.51 3.62
C VAL B 185 12.88 -15.84 3.58
N MET B 186 12.55 -16.35 2.38
CA MET B 186 11.76 -17.59 2.22
C MET B 186 12.46 -18.82 2.75
N ASP B 187 13.82 -18.80 2.76
CA ASP B 187 14.65 -19.89 3.29
C ASP B 187 14.55 -19.85 4.79
N ALA B 188 14.75 -18.65 5.39
CA ALA B 188 14.71 -18.39 6.84
C ALA B 188 13.34 -18.66 7.42
N ALA B 189 12.26 -18.29 6.69
CA ALA B 189 10.88 -18.48 7.11
C ALA B 189 10.54 -19.98 7.18
N GLU B 190 10.77 -20.73 6.09
CA GLU B 190 10.48 -22.15 6.11
C GLU B 190 11.31 -22.84 7.24
N VAL B 191 12.64 -22.50 7.37
CA VAL B 191 13.54 -23.04 8.40
C VAL B 191 12.98 -22.78 9.81
N LEU B 192 12.64 -21.51 10.14
CA LEU B 192 12.10 -21.11 11.44
C LEU B 192 10.78 -21.83 11.77
N ASN B 193 9.89 -21.97 10.79
CA ASN B 193 8.61 -22.63 10.99
C ASN B 193 8.76 -24.14 11.15
N ASN B 194 9.70 -24.73 10.41
CA ASN B 194 9.93 -26.19 10.47
C ASN B 194 10.59 -26.51 11.79
N ALA B 195 11.47 -25.62 12.26
CA ALA B 195 12.13 -25.71 13.56
C ALA B 195 11.11 -25.55 14.73
N MET B 196 9.84 -25.22 14.46
CA MET B 196 8.83 -25.11 15.51
C MET B 196 8.01 -26.42 15.56
N SER B 197 8.72 -27.56 15.64
CA SER B 197 8.12 -28.88 15.61
C SER B 197 8.92 -29.93 16.42
N ARG B 198 8.59 -31.22 16.23
CA ARG B 198 9.13 -32.36 16.98
C ARG B 198 10.60 -32.72 16.66
N GLY B 199 10.94 -33.00 15.40
CA GLY B 199 12.32 -33.36 15.08
C GLY B 199 13.36 -32.29 15.33
N GLN B 200 12.95 -31.05 15.12
CA GLN B 200 13.75 -29.83 15.28
C GLN B 200 12.86 -28.88 16.10
N ALA B 201 13.24 -28.59 17.35
CA ALA B 201 12.40 -27.74 18.21
C ALA B 201 12.99 -26.34 18.35
N LYS B 202 12.09 -25.36 18.53
CA LYS B 202 12.48 -23.96 18.69
C LYS B 202 12.81 -23.70 20.17
N GLY B 203 11.87 -24.03 21.06
CA GLY B 203 11.97 -23.82 22.50
C GLY B 203 10.95 -22.80 22.99
N ALA B 204 10.28 -22.10 22.05
CA ALA B 204 9.23 -21.09 22.28
C ALA B 204 8.30 -21.03 21.04
N ALA B 205 7.16 -21.79 21.13
CA ALA B 205 6.11 -21.92 20.12
C ALA B 205 5.00 -20.90 20.35
N GLY B 206 3.95 -20.95 19.53
CA GLY B 206 2.85 -20.00 19.58
C GLY B 206 3.21 -18.71 18.85
N ALA B 207 4.50 -18.63 18.39
CA ALA B 207 5.11 -17.56 17.58
C ALA B 207 4.76 -17.80 16.12
N GLN B 208 4.90 -16.75 15.29
CA GLN B 208 4.53 -16.81 13.88
C GLN B 208 5.55 -16.12 13.01
N VAL B 209 5.83 -16.73 11.88
CA VAL B 209 6.75 -16.14 10.92
C VAL B 209 5.98 -15.80 9.65
N ILE B 210 6.10 -14.53 9.24
CA ILE B 210 5.54 -13.96 8.03
C ILE B 210 6.71 -13.37 7.27
N ALA B 211 6.90 -13.87 6.04
CA ALA B 211 8.00 -13.52 5.14
C ALA B 211 7.67 -12.48 4.09
N ASP B 212 8.34 -11.31 4.15
CA ASP B 212 8.16 -10.23 3.19
C ASP B 212 9.30 -10.30 2.17
N ALA B 213 9.02 -10.98 1.04
CA ALA B 213 10.01 -11.17 -0.03
C ALA B 213 10.44 -9.84 -0.64
N ARG B 214 9.47 -8.94 -0.90
CA ARG B 214 9.66 -7.62 -1.49
C ARG B 214 10.78 -6.79 -0.82
N THR B 215 10.92 -6.90 0.50
CA THR B 215 11.92 -6.16 1.27
C THR B 215 12.94 -7.13 1.96
N ASN B 216 12.84 -8.45 1.68
CA ASN B 216 13.68 -9.52 2.25
C ASN B 216 13.75 -9.44 3.78
N ARG B 217 12.56 -9.40 4.41
CA ARG B 217 12.47 -9.29 5.86
C ARG B 217 11.43 -10.25 6.48
N LEU B 218 11.68 -10.65 7.72
CA LEU B 218 10.79 -11.50 8.49
C LEU B 218 10.06 -10.64 9.50
N ILE B 219 8.77 -10.92 9.62
CA ILE B 219 7.86 -10.31 10.57
C ILE B 219 7.61 -11.43 11.55
N ILE B 220 8.17 -11.30 12.76
CA ILE B 220 8.08 -12.30 13.82
C ILE B 220 6.95 -11.90 14.76
N LEU B 221 5.97 -12.77 14.97
CA LEU B 221 4.76 -12.52 15.78
C LEU B 221 4.63 -13.45 16.97
N GLY B 222 3.52 -13.35 17.70
CA GLY B 222 3.21 -14.20 18.84
C GLY B 222 3.54 -13.60 20.19
N PRO B 223 3.31 -14.39 21.30
CA PRO B 223 3.61 -13.91 22.67
C PRO B 223 4.97 -13.24 22.84
N PRO B 224 5.09 -12.21 23.71
CA PRO B 224 6.36 -11.48 23.84
C PRO B 224 7.61 -12.30 24.15
N GLN B 225 7.46 -13.31 25.01
CA GLN B 225 8.57 -14.18 25.38
C GLN B 225 8.99 -15.04 24.17
N ALA B 226 7.99 -15.69 23.51
CA ALA B 226 8.15 -16.58 22.35
C ALA B 226 8.83 -15.88 21.19
N ARG B 227 8.30 -14.70 20.83
CA ARG B 227 8.73 -13.80 19.77
C ARG B 227 10.19 -13.37 19.90
N ALA B 228 10.69 -13.14 21.13
CA ALA B 228 12.08 -12.73 21.38
C ALA B 228 13.08 -13.84 21.08
N LYS B 229 12.66 -15.12 21.24
CA LYS B 229 13.45 -16.33 20.97
C LYS B 229 13.60 -16.53 19.46
N LEU B 230 12.47 -16.47 18.71
CA LEU B 230 12.44 -16.65 17.27
C LEU B 230 13.31 -15.62 16.53
N VAL B 231 13.43 -14.39 17.09
CA VAL B 231 14.23 -13.28 16.55
C VAL B 231 15.71 -13.70 16.51
N GLN B 232 16.21 -14.24 17.63
CA GLN B 232 17.60 -14.71 17.78
C GLN B 232 17.90 -15.85 16.82
N LEU B 233 16.92 -16.74 16.57
CA LEU B 233 17.09 -17.89 15.67
C LEU B 233 17.29 -17.43 14.22
N ALA B 234 16.63 -16.33 13.84
CA ALA B 234 16.74 -15.74 12.50
C ALA B 234 18.11 -15.06 12.36
N GLN B 235 18.63 -14.49 13.48
CA GLN B 235 19.92 -13.80 13.54
C GLN B 235 21.09 -14.75 13.25
N SER B 236 20.93 -15.95 13.77
CA SER B 236 21.86 -17.08 13.70
C SER B 236 22.19 -17.39 12.29
N LEU B 237 21.16 -17.42 11.46
CA LEU B 237 21.29 -17.62 10.05
C LEU B 237 21.94 -16.42 9.34
N ASP B 238 21.93 -15.27 10.01
CA ASP B 238 22.52 -14.05 9.44
C ASP B 238 23.99 -13.94 9.81
N THR B 239 24.74 -15.02 9.59
CA THR B 239 26.17 -15.03 9.90
C THR B 239 26.97 -15.54 8.71
N VAL C 24 21.37 39.21 -16.25
CA VAL C 24 21.58 38.82 -17.65
C VAL C 24 23.07 38.52 -17.93
N GLN C 25 24.00 39.27 -17.28
CA GLN C 25 25.45 39.12 -17.41
C GLN C 25 26.09 38.63 -16.11
N LEU C 26 26.91 37.55 -16.21
CA LEU C 26 27.61 36.87 -15.11
C LEU C 26 29.12 37.06 -15.19
N VAL C 27 29.75 37.44 -14.05
CA VAL C 27 31.21 37.64 -13.97
C VAL C 27 31.86 36.55 -13.11
N GLU C 28 32.89 35.88 -13.63
CA GLU C 28 33.59 34.84 -12.88
C GLU C 28 35.00 35.20 -12.45
N SER C 29 35.38 34.69 -11.27
CA SER C 29 36.68 34.91 -10.64
C SER C 29 37.02 33.74 -9.72
N GLY C 30 38.29 33.64 -9.33
CA GLY C 30 38.71 32.61 -8.40
C GLY C 30 39.53 31.48 -8.98
N GLY C 31 39.72 31.49 -10.29
CA GLY C 31 40.53 30.49 -10.98
C GLY C 31 42.01 30.63 -10.68
N GLY C 32 42.80 29.65 -11.10
CA GLY C 32 44.24 29.65 -10.88
C GLY C 32 44.91 28.31 -11.03
N SER C 33 46.22 28.29 -10.80
CA SER C 33 47.07 27.11 -10.89
C SER C 33 47.36 26.55 -9.50
N VAL C 34 47.01 25.28 -9.28
CA VAL C 34 47.19 24.57 -8.00
C VAL C 34 47.73 23.15 -8.29
N GLN C 35 48.36 22.51 -7.28
CA GLN C 35 48.86 21.15 -7.34
C GLN C 35 47.71 20.21 -6.98
N ALA C 36 47.81 18.91 -7.32
CA ALA C 36 46.79 17.91 -7.01
C ALA C 36 46.54 17.79 -5.51
N GLY C 37 45.28 17.60 -5.14
CA GLY C 37 44.85 17.54 -3.74
C GLY C 37 44.56 18.90 -3.14
N GLY C 38 44.71 19.95 -3.96
CA GLY C 38 44.49 21.33 -3.59
C GLY C 38 43.05 21.81 -3.68
N SER C 39 42.84 23.12 -3.50
CA SER C 39 41.51 23.71 -3.50
C SER C 39 41.44 25.14 -4.04
N LEU C 40 40.29 25.50 -4.63
CA LEU C 40 39.97 26.83 -5.17
C LEU C 40 38.49 27.15 -4.92
N ARG C 41 38.18 28.43 -4.70
CA ARG C 41 36.82 28.91 -4.51
C ARG C 41 36.51 29.88 -5.64
N LEU C 42 35.60 29.49 -6.54
CA LEU C 42 35.21 30.33 -7.68
C LEU C 42 33.99 31.16 -7.28
N SER C 43 33.89 32.38 -7.81
CA SER C 43 32.74 33.24 -7.56
C SER C 43 32.04 33.56 -8.89
N CYS C 44 30.72 33.75 -8.86
CA CYS C 44 29.97 34.13 -10.06
C CYS C 44 28.91 35.17 -9.73
N ALA C 45 29.22 36.46 -10.00
CA ALA C 45 28.34 37.61 -9.76
C ALA C 45 27.34 37.86 -10.87
N ALA C 46 26.05 38.05 -10.50
CA ALA C 46 24.94 38.30 -11.43
C ALA C 46 24.36 39.71 -11.33
N SER C 47 24.11 40.34 -12.50
CA SER C 47 23.53 41.69 -12.63
C SER C 47 22.49 41.74 -13.76
N GLY C 48 21.36 42.39 -13.48
CA GLY C 48 20.24 42.55 -14.43
C GLY C 48 18.97 41.83 -14.02
N ASN C 49 18.48 40.91 -14.90
CA ASN C 49 17.27 40.09 -14.66
C ASN C 49 17.61 38.84 -13.83
N THR C 50 17.62 39.00 -12.49
CA THR C 50 17.93 37.93 -11.52
C THR C 50 16.70 37.17 -11.09
N ASP C 51 15.58 37.84 -10.89
CA ASP C 51 14.34 37.21 -10.42
C ASP C 51 13.80 36.08 -11.30
N SER C 52 14.01 36.19 -12.61
CA SER C 52 13.52 35.21 -13.56
C SER C 52 14.52 34.08 -13.85
N SER C 53 15.45 33.83 -12.92
CA SER C 53 16.33 32.70 -13.11
C SER C 53 16.28 31.73 -11.94
N TYR C 54 15.81 30.52 -12.24
CA TYR C 54 15.65 29.44 -11.28
C TYR C 54 16.95 28.72 -10.90
N TYR C 55 17.82 28.46 -11.89
CA TYR C 55 19.08 27.74 -11.68
C TYR C 55 20.29 28.56 -12.06
N MET C 56 21.42 28.30 -11.42
CA MET C 56 22.74 28.90 -11.68
C MET C 56 23.74 27.79 -11.52
N GLY C 57 24.44 27.45 -12.60
CA GLY C 57 25.36 26.33 -12.56
C GLY C 57 26.80 26.63 -12.89
N TRP C 58 27.62 25.57 -12.88
CA TRP C 58 29.03 25.59 -13.23
C TRP C 58 29.31 24.51 -14.27
N PHE C 59 29.91 24.94 -15.40
CA PHE C 59 30.29 24.13 -16.56
C PHE C 59 31.80 24.22 -16.80
N ARG C 60 32.44 23.11 -17.18
CA ARG C 60 33.87 23.14 -17.45
C ARG C 60 34.20 22.73 -18.91
N GLN C 61 34.71 23.71 -19.68
CA GLN C 61 35.11 23.60 -21.08
C GLN C 61 36.63 23.38 -21.20
N GLY C 62 37.05 22.13 -21.02
CA GLY C 62 38.46 21.73 -21.15
C GLY C 62 38.93 21.80 -22.58
N PRO C 63 40.26 21.93 -22.86
CA PRO C 63 40.71 22.01 -24.27
C PRO C 63 40.71 20.62 -24.92
N GLY C 64 39.89 20.47 -25.96
CA GLY C 64 39.71 19.20 -26.67
C GLY C 64 38.66 18.31 -26.00
N LYS C 65 38.00 18.85 -24.95
CA LYS C 65 36.94 18.21 -24.16
C LYS C 65 35.61 18.96 -24.34
N GLU C 66 34.50 18.20 -24.38
CA GLU C 66 33.12 18.69 -24.55
C GLU C 66 32.68 19.54 -23.33
N ARG C 67 31.73 20.50 -23.55
CA ARG C 67 31.17 21.33 -22.47
C ARG C 67 30.29 20.44 -21.64
N GLU C 68 30.68 20.14 -20.43
CA GLU C 68 29.83 19.31 -19.62
C GLU C 68 29.74 19.90 -18.25
N GLY C 69 28.51 20.12 -17.79
CA GLY C 69 28.27 20.69 -16.48
C GLY C 69 28.74 19.84 -15.33
N VAL C 70 29.00 20.51 -14.21
CA VAL C 70 29.47 19.85 -13.00
C VAL C 70 28.64 20.07 -11.75
N ALA C 71 28.18 21.29 -11.53
CA ALA C 71 27.40 21.63 -10.37
C ALA C 71 26.28 22.57 -10.68
N SER C 72 25.15 22.41 -10.03
CA SER C 72 23.97 23.26 -10.29
C SER C 72 23.25 23.59 -8.97
N ILE C 73 22.65 24.79 -8.88
CA ILE C 73 21.92 25.23 -7.68
C ILE C 73 20.54 25.82 -8.04
N TYR C 74 19.51 25.38 -7.31
CA TYR C 74 18.15 25.88 -7.46
C TYR C 74 18.07 27.07 -6.52
N ILE C 75 18.17 28.26 -7.10
CA ILE C 75 18.20 29.53 -6.38
C ILE C 75 17.12 29.69 -5.31
N ARG C 76 15.84 29.53 -5.66
CA ARG C 76 14.72 29.66 -4.72
C ARG C 76 14.91 28.90 -3.40
N ALA C 77 15.29 27.62 -3.47
CA ALA C 77 15.46 26.81 -2.25
C ALA C 77 16.91 26.42 -1.88
N GLY C 78 17.88 26.87 -2.67
CA GLY C 78 19.29 26.56 -2.53
C GLY C 78 19.58 25.09 -2.70
N ILE C 79 18.89 24.41 -3.68
CA ILE C 79 19.03 22.96 -3.91
C ILE C 79 20.26 22.63 -4.76
N PRO C 80 21.28 21.98 -4.18
CA PRO C 80 22.48 21.64 -4.99
C PRO C 80 22.36 20.29 -5.71
N TYR C 81 22.86 20.24 -6.94
CA TYR C 81 22.88 19.04 -7.73
C TYR C 81 24.30 18.88 -8.19
N TYR C 82 24.86 17.70 -8.05
CA TYR C 82 26.21 17.51 -8.47
C TYR C 82 26.35 16.29 -9.30
N THR C 83 27.29 16.32 -10.21
CA THR C 83 27.61 15.19 -11.05
C THR C 83 28.41 14.24 -10.24
N ASP C 84 28.41 12.99 -10.62
CA ASP C 84 29.14 12.00 -9.86
C ASP C 84 30.63 12.20 -9.78
N SER C 85 31.21 12.70 -10.85
CA SER C 85 32.63 12.95 -10.89
C SER C 85 33.12 13.94 -9.84
N VAL C 86 32.31 14.92 -9.48
CA VAL C 86 32.69 15.99 -8.54
C VAL C 86 32.04 15.83 -7.17
N LYS C 87 30.91 15.08 -7.06
CA LYS C 87 30.16 14.88 -5.81
C LYS C 87 31.07 14.50 -4.66
N GLY C 88 30.84 15.12 -3.50
CA GLY C 88 31.61 14.89 -2.29
C GLY C 88 32.98 15.55 -2.28
N ARG C 89 33.29 16.30 -3.35
CA ARG C 89 34.57 16.99 -3.48
C ARG C 89 34.31 18.45 -3.76
N PHE C 90 33.28 18.71 -4.57
CA PHE C 90 32.88 20.07 -4.92
C PHE C 90 31.60 20.46 -4.18
N THR C 91 31.47 21.74 -3.86
CA THR C 91 30.32 22.28 -3.16
C THR C 91 29.81 23.58 -3.78
N ILE C 92 28.58 23.55 -4.31
CA ILE C 92 27.95 24.74 -4.89
C ILE C 92 27.13 25.47 -3.79
N SER C 93 27.44 26.76 -3.58
CA SER C 93 26.74 27.61 -2.60
C SER C 93 26.34 28.93 -3.20
N GLN C 94 25.54 29.71 -2.47
CA GLN C 94 25.03 31.00 -2.93
C GLN C 94 24.87 32.03 -1.82
N ASP C 95 24.78 33.28 -2.24
CA ASP C 95 24.55 34.44 -1.38
C ASP C 95 23.59 35.29 -2.22
N ASN C 96 22.27 35.19 -1.94
CA ASN C 96 21.23 35.93 -2.67
C ASN C 96 21.33 37.45 -2.43
N ALA C 97 21.90 37.86 -1.26
CA ALA C 97 22.15 39.24 -0.89
C ALA C 97 23.26 39.86 -1.77
N LYS C 98 24.42 39.13 -1.89
CA LYS C 98 25.56 39.52 -2.71
C LYS C 98 25.38 39.03 -4.17
N ASN C 99 24.27 38.38 -4.43
CA ASN C 99 23.91 37.87 -5.74
C ASN C 99 24.96 37.08 -6.48
N THR C 100 25.80 36.39 -5.72
CA THR C 100 26.88 35.56 -6.26
C THR C 100 26.65 34.06 -6.01
N ILE C 101 27.35 33.18 -6.78
CA ILE C 101 27.33 31.71 -6.67
C ILE C 101 28.77 31.34 -6.31
N TYR C 102 28.98 30.20 -5.62
CA TYR C 102 30.32 29.73 -5.28
C TYR C 102 30.52 28.26 -5.60
N LEU C 103 31.73 27.91 -6.03
CA LEU C 103 32.13 26.55 -6.25
C LEU C 103 33.48 26.29 -5.58
N GLN C 104 33.45 25.63 -4.45
CA GLN C 104 34.64 25.32 -3.71
C GLN C 104 34.99 23.95 -4.18
N MET C 105 36.15 23.85 -4.78
CA MET C 105 36.64 22.64 -5.36
C MET C 105 37.70 22.10 -4.46
N ASN C 106 37.50 20.87 -4.00
CA ASN C 106 38.39 20.24 -3.06
C ASN C 106 38.94 18.96 -3.62
N SER C 107 40.01 18.49 -3.04
CA SER C 107 40.63 17.23 -3.52
C SER C 107 40.81 17.22 -5.05
N LEU C 108 41.12 18.39 -5.61
CA LEU C 108 41.26 18.62 -7.03
C LEU C 108 42.24 17.67 -7.72
N LYS C 109 41.75 16.95 -8.72
CA LYS C 109 42.50 16.00 -9.56
C LYS C 109 42.98 16.73 -10.85
N PRO C 110 44.03 16.25 -11.58
CA PRO C 110 44.44 16.96 -12.80
C PRO C 110 43.42 16.94 -13.95
N GLU C 111 42.43 16.02 -13.87
CA GLU C 111 41.33 15.87 -14.82
C GLU C 111 40.42 17.11 -14.74
N ASP C 112 40.36 17.76 -13.53
CA ASP C 112 39.54 18.94 -13.23
C ASP C 112 40.02 20.23 -13.92
N THR C 113 41.21 20.18 -14.55
CA THR C 113 41.79 21.28 -15.33
C THR C 113 40.88 21.56 -16.53
N ALA C 114 40.33 22.79 -16.60
CA ALA C 114 39.42 23.25 -17.66
C ALA C 114 39.07 24.72 -17.50
N MET C 115 38.44 25.30 -18.53
CA MET C 115 37.95 26.67 -18.50
C MET C 115 36.55 26.58 -17.87
N TYR C 116 36.42 27.11 -16.66
CA TYR C 116 35.15 27.07 -15.94
C TYR C 116 34.22 28.23 -16.27
N PHE C 117 33.01 27.87 -16.68
CA PHE C 117 31.91 28.75 -17.04
C PHE C 117 30.80 28.57 -16.03
N CYS C 118 29.99 29.59 -15.89
CA CYS C 118 28.89 29.75 -14.96
C CYS C 118 27.72 30.20 -15.79
N ALA C 119 26.61 29.47 -15.73
CA ALA C 119 25.45 29.82 -16.53
C ALA C 119 24.17 29.91 -15.70
N GLY C 120 23.24 30.72 -16.16
CA GLY C 120 21.94 30.89 -15.53
C GLY C 120 20.85 30.28 -16.40
N SER C 121 19.84 29.67 -15.76
CA SER C 121 18.71 29.05 -16.45
C SER C 121 17.41 29.72 -16.04
N VAL C 122 16.59 30.04 -17.03
CA VAL C 122 15.32 30.73 -16.81
C VAL C 122 14.15 29.75 -16.81
N ARG C 123 14.47 28.44 -16.88
CA ARG C 123 13.54 27.32 -16.89
C ARG C 123 13.36 26.71 -15.48
N THR C 124 12.14 26.21 -15.16
CA THR C 124 11.77 25.58 -13.88
C THR C 124 12.27 24.13 -13.79
N THR C 125 12.20 23.44 -14.92
CA THR C 125 12.65 22.08 -15.11
C THR C 125 13.69 22.07 -16.23
N ILE C 126 14.69 21.22 -16.04
CA ILE C 126 15.80 21.14 -16.96
C ILE C 126 16.77 20.05 -16.61
N GLN C 127 17.61 19.70 -17.56
CA GLN C 127 18.66 18.77 -17.31
C GLN C 127 19.65 19.76 -16.85
N PRO C 128 20.05 19.70 -15.59
CA PRO C 128 20.93 20.73 -15.05
C PRO C 128 22.37 20.64 -15.47
N PHE C 129 22.79 19.54 -16.06
CA PHE C 129 24.15 19.38 -16.46
C PHE C 129 24.31 19.46 -17.96
N LYS C 130 23.39 20.15 -18.61
CA LYS C 130 23.33 20.34 -20.08
C LYS C 130 23.08 21.82 -20.40
N GLY C 131 24.07 22.46 -21.05
CA GLY C 131 24.10 23.89 -21.39
C GLY C 131 22.93 24.49 -22.16
N ASN C 132 22.26 23.66 -23.00
CA ASN C 132 21.09 24.01 -23.86
C ASN C 132 19.91 24.59 -23.02
N TYR C 133 19.81 24.12 -21.76
CA TYR C 133 18.81 24.49 -20.79
C TYR C 133 19.13 25.82 -20.09
N TYR C 134 20.30 26.40 -20.38
CA TYR C 134 20.80 27.63 -19.78
C TYR C 134 20.83 28.78 -20.80
N ASN C 135 20.44 29.99 -20.37
CA ASN C 135 20.34 31.18 -21.23
C ASN C 135 21.45 32.22 -21.07
N TYR C 136 21.55 32.77 -19.86
CA TYR C 136 22.52 33.78 -19.46
C TYR C 136 23.92 33.15 -19.22
N TRP C 137 24.99 33.71 -19.85
CA TRP C 137 26.35 33.16 -19.73
C TRP C 137 27.47 34.20 -19.38
N GLY C 138 28.63 33.69 -18.98
CA GLY C 138 29.81 34.44 -18.58
C GLY C 138 31.05 34.09 -19.39
N ARG C 139 32.14 34.85 -19.22
CA ARG C 139 33.39 34.72 -19.99
C ARG C 139 34.24 33.46 -19.70
N GLY C 140 34.52 33.18 -18.44
CA GLY C 140 35.28 32.00 -18.04
C GLY C 140 36.40 32.28 -17.06
N THR C 141 36.89 31.19 -16.43
CA THR C 141 38.03 31.21 -15.48
C THR C 141 38.85 29.96 -15.67
N GLN C 142 40.13 30.13 -15.93
CA GLN C 142 41.00 28.98 -16.12
C GLN C 142 41.39 28.36 -14.79
N VAL C 143 41.20 27.04 -14.69
CA VAL C 143 41.58 26.25 -13.52
C VAL C 143 42.60 25.24 -14.04
N THR C 144 43.78 25.19 -13.42
CA THR C 144 44.83 24.25 -13.79
C THR C 144 45.30 23.46 -12.54
N VAL C 145 45.20 22.13 -12.59
CA VAL C 145 45.62 21.22 -11.51
C VAL C 145 46.79 20.39 -12.06
N SER C 146 47.95 20.41 -11.37
CA SER C 146 49.15 19.70 -11.82
C SER C 146 49.55 18.56 -10.88
N GLN D 23 -36.23 -29.24 -11.84
CA GLN D 23 -37.14 -30.29 -11.45
C GLN D 23 -36.62 -31.05 -10.27
N VAL D 24 -36.30 -30.31 -9.20
CA VAL D 24 -35.77 -30.93 -7.98
C VAL D 24 -36.68 -30.64 -6.80
N GLN D 25 -37.44 -31.65 -6.39
CA GLN D 25 -38.35 -31.51 -5.26
C GLN D 25 -37.59 -31.55 -3.93
N LEU D 26 -38.17 -30.94 -2.91
CA LEU D 26 -37.54 -30.90 -1.59
C LEU D 26 -38.52 -31.33 -0.50
N VAL D 27 -38.06 -32.21 0.39
CA VAL D 27 -38.89 -32.70 1.49
C VAL D 27 -38.28 -32.31 2.83
N GLU D 28 -39.11 -31.74 3.70
CA GLU D 28 -38.66 -31.31 5.03
C GLU D 28 -39.24 -32.16 6.16
N SER D 29 -38.42 -32.38 7.17
CA SER D 29 -38.73 -33.15 8.38
C SER D 29 -37.90 -32.64 9.56
N GLY D 30 -38.27 -33.03 10.76
CA GLY D 30 -37.51 -32.63 11.94
C GLY D 30 -38.16 -31.62 12.84
N GLY D 31 -39.30 -31.06 12.40
CA GLY D 31 -40.07 -30.09 13.16
C GLY D 31 -40.75 -30.71 14.37
N GLY D 32 -41.27 -29.86 15.25
CA GLY D 32 -41.93 -30.31 16.46
C GLY D 32 -42.10 -29.23 17.50
N SER D 33 -42.71 -29.63 18.63
CA SER D 33 -42.99 -28.77 19.77
C SER D 33 -41.96 -29.01 20.86
N VAL D 34 -41.24 -27.92 21.26
CA VAL D 34 -40.19 -27.93 22.29
C VAL D 34 -40.38 -26.72 23.21
N GLN D 35 -39.80 -26.77 24.42
CA GLN D 35 -39.79 -25.69 25.40
C GLN D 35 -38.59 -24.78 25.07
N ALA D 36 -38.59 -23.54 25.59
CA ALA D 36 -37.50 -22.58 25.38
C ALA D 36 -36.17 -23.13 25.91
N GLY D 37 -35.09 -22.84 25.20
CA GLY D 37 -33.74 -23.33 25.51
C GLY D 37 -33.46 -24.71 24.94
N GLY D 38 -34.43 -25.27 24.22
CA GLY D 38 -34.38 -26.58 23.60
C GLY D 38 -33.71 -26.63 22.24
N SER D 39 -33.78 -27.80 21.59
CA SER D 39 -33.15 -27.99 20.28
C SER D 39 -33.89 -28.97 19.36
N LEU D 40 -33.75 -28.75 18.03
CA LEU D 40 -34.31 -29.56 16.95
C LEU D 40 -33.34 -29.61 15.78
N ARG D 41 -33.33 -30.72 15.04
CA ARG D 41 -32.49 -30.88 13.85
C ARG D 41 -33.43 -31.06 12.68
N LEU D 42 -33.54 -30.02 11.88
CA LEU D 42 -34.39 -30.01 10.69
C LEU D 42 -33.59 -30.64 9.55
N SER D 43 -34.27 -31.40 8.64
CA SER D 43 -33.64 -32.06 7.47
C SER D 43 -34.36 -31.68 6.20
N CYS D 44 -33.61 -31.54 5.07
CA CYS D 44 -34.19 -31.19 3.77
C CYS D 44 -33.61 -32.02 2.63
N ALA D 45 -34.33 -33.07 2.23
CA ALA D 45 -33.94 -33.99 1.16
C ALA D 45 -34.29 -33.51 -0.23
N ALA D 46 -33.28 -33.48 -1.11
CA ALA D 46 -33.40 -33.10 -2.52
C ALA D 46 -33.66 -34.39 -3.30
N SER D 47 -34.62 -34.34 -4.26
CA SER D 47 -35.05 -35.49 -5.07
C SER D 47 -34.08 -35.82 -6.22
N GLY D 48 -33.81 -34.83 -7.08
CA GLY D 48 -32.90 -34.97 -8.21
C GLY D 48 -31.44 -34.69 -7.83
N ASN D 49 -30.73 -33.99 -8.73
CA ASN D 49 -29.33 -33.62 -8.54
C ASN D 49 -29.14 -32.11 -8.36
N THR D 50 -28.56 -31.77 -7.20
CA THR D 50 -28.25 -30.42 -6.74
C THR D 50 -27.19 -29.72 -7.64
N ASP D 51 -26.65 -30.44 -8.63
CA ASP D 51 -25.65 -29.92 -9.58
C ASP D 51 -26.09 -28.70 -10.40
N SER D 52 -27.40 -28.45 -10.49
CA SER D 52 -27.97 -27.31 -11.22
C SER D 52 -28.46 -26.18 -10.28
N SER D 53 -28.08 -26.24 -8.98
CA SER D 53 -28.47 -25.34 -7.90
C SER D 53 -27.27 -25.04 -6.98
N TYR D 54 -26.95 -23.76 -6.91
CA TYR D 54 -25.83 -23.25 -6.14
C TYR D 54 -26.10 -23.13 -4.64
N TYR D 55 -27.31 -22.66 -4.25
CA TYR D 55 -27.66 -22.46 -2.85
C TYR D 55 -28.86 -23.28 -2.44
N MET D 56 -28.94 -23.64 -1.15
CA MET D 56 -30.05 -24.34 -0.50
C MET D 56 -30.20 -23.69 0.85
N GLY D 57 -31.28 -22.92 1.03
CA GLY D 57 -31.52 -22.15 2.25
C GLY D 57 -32.75 -22.51 3.05
N TRP D 58 -32.83 -21.98 4.27
CA TRP D 58 -33.95 -22.21 5.17
C TRP D 58 -34.70 -20.92 5.41
N PHE D 59 -36.01 -20.99 5.31
CA PHE D 59 -36.86 -19.85 5.48
C PHE D 59 -37.91 -20.15 6.47
N ARG D 60 -38.44 -19.13 7.11
CA ARG D 60 -39.47 -19.36 8.08
C ARG D 60 -40.52 -18.32 8.04
N GLN D 61 -41.73 -18.75 8.29
CA GLN D 61 -42.84 -17.87 8.30
C GLN D 61 -43.57 -18.14 9.60
N GLY D 62 -43.99 -17.05 10.23
CA GLY D 62 -44.65 -17.10 11.51
C GLY D 62 -46.00 -16.50 11.34
N PRO D 63 -46.92 -16.91 12.20
CA PRO D 63 -48.29 -16.42 11.94
C PRO D 63 -48.36 -14.92 12.23
N GLY D 64 -48.69 -14.15 11.18
CA GLY D 64 -48.74 -12.69 11.25
C GLY D 64 -47.38 -12.06 11.00
N LYS D 65 -46.37 -12.90 10.63
CA LYS D 65 -44.99 -12.53 10.31
C LYS D 65 -44.69 -12.86 8.84
N GLU D 66 -43.95 -11.96 8.16
CA GLU D 66 -43.55 -12.06 6.75
C GLU D 66 -42.53 -13.20 6.55
N ARG D 67 -42.45 -13.78 5.34
CA ARG D 67 -41.49 -14.85 5.06
C ARG D 67 -40.08 -14.29 5.11
N GLU D 68 -39.23 -14.81 6.03
CA GLU D 68 -37.82 -14.36 6.16
C GLU D 68 -36.79 -15.53 6.11
N GLY D 69 -35.65 -15.32 5.47
CA GLY D 69 -34.56 -16.29 5.41
C GLY D 69 -33.77 -16.29 6.69
N VAL D 70 -33.26 -17.47 7.11
CA VAL D 70 -32.51 -17.65 8.37
C VAL D 70 -31.06 -18.13 8.12
N ALA D 71 -30.89 -19.13 7.25
CA ALA D 71 -29.61 -19.72 6.89
C ALA D 71 -29.57 -20.11 5.39
N SER D 72 -28.35 -20.17 4.84
CA SER D 72 -28.13 -20.46 3.43
C SER D 72 -26.77 -21.13 3.28
N ILE D 73 -26.65 -22.03 2.30
CA ILE D 73 -25.37 -22.72 2.09
C ILE D 73 -25.03 -22.83 0.60
N TYR D 74 -23.84 -22.33 0.23
CA TYR D 74 -23.37 -22.47 -1.14
C TYR D 74 -22.87 -23.92 -1.26
N ILE D 75 -23.68 -24.78 -1.91
CA ILE D 75 -23.49 -26.21 -2.13
C ILE D 75 -22.08 -26.62 -2.59
N ARG D 76 -21.59 -26.06 -3.70
CA ARG D 76 -20.26 -26.36 -4.25
C ARG D 76 -19.13 -26.35 -3.18
N ALA D 77 -19.04 -25.29 -2.34
CA ALA D 77 -17.98 -25.20 -1.34
C ALA D 77 -18.42 -25.34 0.14
N GLY D 78 -19.72 -25.57 0.36
CA GLY D 78 -20.33 -25.67 1.67
C GLY D 78 -20.22 -24.39 2.49
N ILE D 79 -20.39 -23.21 1.83
CA ILE D 79 -20.26 -21.90 2.50
C ILE D 79 -21.56 -21.50 3.22
N PRO D 80 -21.52 -21.43 4.58
CA PRO D 80 -22.75 -21.06 5.30
C PRO D 80 -22.92 -19.57 5.51
N TYR D 81 -24.18 -19.10 5.50
CA TYR D 81 -24.56 -17.71 5.77
C TYR D 81 -25.75 -17.72 6.76
N TYR D 82 -25.72 -16.84 7.81
CA TYR D 82 -26.79 -16.75 8.82
C TYR D 82 -27.20 -15.31 9.07
N THR D 83 -28.48 -15.11 9.49
CA THR D 83 -28.99 -13.79 9.88
C THR D 83 -28.53 -13.56 11.30
N ASP D 84 -28.33 -12.31 11.69
CA ASP D 84 -27.82 -12.01 13.03
C ASP D 84 -28.66 -12.63 14.14
N SER D 85 -29.98 -12.60 13.98
CA SER D 85 -30.97 -13.16 14.92
C SER D 85 -30.85 -14.69 15.15
N VAL D 86 -30.05 -15.41 14.33
CA VAL D 86 -29.89 -16.87 14.40
C VAL D 86 -28.44 -17.34 14.56
N LYS D 87 -27.49 -16.43 14.31
CA LYS D 87 -26.05 -16.68 14.36
C LYS D 87 -25.59 -17.08 15.76
N GLY D 88 -24.75 -18.10 15.84
CA GLY D 88 -24.26 -18.63 17.11
C GLY D 88 -25.21 -19.59 17.80
N ARG D 89 -26.38 -19.85 17.20
CA ARG D 89 -27.39 -20.79 17.71
C ARG D 89 -27.61 -21.88 16.65
N PHE D 90 -28.05 -21.45 15.47
CA PHE D 90 -28.30 -22.35 14.36
C PHE D 90 -27.04 -22.62 13.54
N THR D 91 -27.02 -23.78 12.90
CA THR D 91 -25.94 -24.25 12.06
C THR D 91 -26.49 -24.97 10.83
N ILE D 92 -26.19 -24.43 9.63
CA ILE D 92 -26.60 -25.04 8.37
C ILE D 92 -25.48 -25.96 7.88
N SER D 93 -25.82 -27.25 7.66
CA SER D 93 -24.89 -28.27 7.19
C SER D 93 -25.44 -29.02 5.99
N GLN D 94 -24.61 -29.82 5.34
CA GLN D 94 -25.01 -30.58 4.16
C GLN D 94 -24.32 -31.93 4.08
N ASP D 95 -24.94 -32.82 3.31
CA ASP D 95 -24.43 -34.15 3.02
C ASP D 95 -24.79 -34.31 1.55
N ASN D 96 -23.82 -34.06 0.64
CA ASN D 96 -24.00 -34.15 -0.82
C ASN D 96 -24.27 -35.60 -1.26
N ALA D 97 -23.78 -36.58 -0.46
CA ALA D 97 -23.95 -38.03 -0.66
C ALA D 97 -25.42 -38.40 -0.41
N LYS D 98 -25.97 -37.99 0.76
CA LYS D 98 -27.36 -38.22 1.16
C LYS D 98 -28.30 -37.14 0.58
N ASN D 99 -27.73 -36.19 -0.20
CA ASN D 99 -28.40 -35.07 -0.87
C ASN D 99 -29.31 -34.24 0.05
N THR D 100 -29.00 -34.19 1.36
CA THR D 100 -29.80 -33.43 2.32
C THR D 100 -29.02 -32.26 2.95
N ILE D 101 -29.76 -31.21 3.32
CA ILE D 101 -29.22 -30.06 4.05
C ILE D 101 -29.90 -30.02 5.40
N TYR D 102 -29.11 -29.74 6.44
CA TYR D 102 -29.61 -29.73 7.81
C TYR D 102 -29.60 -28.34 8.45
N LEU D 103 -30.44 -28.16 9.46
CA LEU D 103 -30.46 -26.94 10.25
C LEU D 103 -30.47 -27.35 11.72
N GLN D 104 -29.30 -27.22 12.38
CA GLN D 104 -29.19 -27.55 13.79
C GLN D 104 -29.53 -26.31 14.60
N MET D 105 -30.78 -26.29 15.08
CA MET D 105 -31.37 -25.21 15.86
C MET D 105 -31.18 -25.44 17.37
N ASN D 106 -30.38 -24.56 18.05
CA ASN D 106 -30.07 -24.62 19.49
C ASN D 106 -30.49 -23.33 20.21
N SER D 107 -30.61 -23.36 21.57
CA SER D 107 -31.02 -22.23 22.43
C SER D 107 -32.30 -21.55 21.93
N LEU D 108 -33.23 -22.36 21.39
CA LEU D 108 -34.47 -21.94 20.76
C LEU D 108 -35.31 -21.04 21.63
N LYS D 109 -35.59 -19.84 21.11
CA LYS D 109 -36.43 -18.81 21.74
C LYS D 109 -37.89 -18.95 21.24
N PRO D 110 -38.94 -18.43 21.94
CA PRO D 110 -40.32 -18.57 21.41
C PRO D 110 -40.59 -17.79 20.11
N GLU D 111 -39.71 -16.83 19.78
CA GLU D 111 -39.75 -16.01 18.57
C GLU D 111 -39.49 -16.91 17.36
N ASP D 112 -38.69 -18.01 17.55
CA ASP D 112 -38.29 -19.00 16.54
C ASP D 112 -39.44 -19.87 16.01
N THR D 113 -40.60 -19.82 16.68
CA THR D 113 -41.82 -20.52 16.30
C THR D 113 -42.27 -20.00 14.95
N ALA D 114 -42.35 -20.89 13.94
CA ALA D 114 -42.76 -20.57 12.56
C ALA D 114 -42.81 -21.85 11.71
N MET D 115 -43.39 -21.72 10.50
CA MET D 115 -43.43 -22.80 9.54
C MET D 115 -42.10 -22.69 8.78
N TYR D 116 -41.23 -23.66 8.96
CA TYR D 116 -39.95 -23.67 8.29
C TYR D 116 -39.96 -24.31 6.90
N PHE D 117 -39.48 -23.52 5.92
CA PHE D 117 -39.35 -23.86 4.51
C PHE D 117 -37.88 -23.92 4.16
N CYS D 118 -37.57 -24.69 3.15
CA CYS D 118 -36.25 -24.99 2.64
C CYS D 118 -36.35 -24.75 1.14
N ALA D 119 -35.48 -23.92 0.59
CA ALA D 119 -35.57 -23.59 -0.82
C ALA D 119 -34.26 -23.74 -1.52
N GLY D 120 -34.30 -24.01 -2.82
CA GLY D 120 -33.11 -24.11 -3.66
C GLY D 120 -33.03 -22.93 -4.61
N SER D 121 -31.81 -22.50 -4.88
CA SER D 121 -31.54 -21.38 -5.80
C SER D 121 -30.67 -21.80 -6.95
N VAL D 122 -31.07 -21.41 -8.13
CA VAL D 122 -30.37 -21.72 -9.34
C VAL D 122 -29.59 -20.56 -9.86
N ARG D 123 -29.34 -19.59 -9.00
CA ARG D 123 -28.61 -18.38 -9.30
C ARG D 123 -27.30 -18.37 -8.57
N THR D 124 -26.27 -17.90 -9.24
CA THR D 124 -24.97 -17.80 -8.64
C THR D 124 -24.80 -16.76 -7.54
N THR D 125 -25.39 -15.61 -7.71
CA THR D 125 -25.27 -14.60 -6.70
C THR D 125 -26.62 -14.06 -6.35
N ILE D 126 -26.94 -14.10 -5.07
CA ILE D 126 -28.21 -13.67 -4.58
C ILE D 126 -28.10 -13.04 -3.21
N GLN D 127 -29.25 -12.83 -2.61
CA GLN D 127 -29.39 -12.32 -1.29
C GLN D 127 -29.93 -13.55 -0.67
N PRO D 128 -29.12 -14.28 0.07
CA PRO D 128 -29.38 -15.57 0.69
C PRO D 128 -30.47 -15.64 1.71
N PHE D 129 -31.01 -14.49 2.06
CA PHE D 129 -32.08 -14.44 3.05
C PHE D 129 -33.37 -13.88 2.48
N LYS D 130 -33.50 -13.83 1.11
CA LYS D 130 -34.68 -13.35 0.38
C LYS D 130 -35.17 -14.41 -0.62
N GLY D 131 -36.36 -14.93 -0.40
CA GLY D 131 -37.01 -15.99 -1.17
C GLY D 131 -37.16 -15.84 -2.67
N ASN D 132 -37.23 -14.57 -3.17
CA ASN D 132 -37.35 -14.19 -4.60
C ASN D 132 -36.20 -14.76 -5.46
N TYR D 133 -35.03 -14.89 -4.84
CA TYR D 133 -33.79 -15.40 -5.39
C TYR D 133 -33.77 -16.96 -5.45
N TYR D 134 -34.76 -17.61 -4.87
CA TYR D 134 -34.83 -19.05 -4.87
C TYR D 134 -35.89 -19.53 -5.83
N ASN D 135 -35.83 -20.81 -6.21
CA ASN D 135 -36.76 -21.38 -7.20
C ASN D 135 -37.66 -22.55 -6.75
N TYR D 136 -37.08 -23.61 -6.25
CA TYR D 136 -37.91 -24.68 -5.77
C TYR D 136 -38.10 -24.46 -4.30
N TRP D 137 -39.26 -24.79 -3.80
CA TRP D 137 -39.58 -24.62 -2.42
C TRP D 137 -40.16 -25.89 -1.89
N GLY D 138 -40.15 -26.07 -0.58
CA GLY D 138 -40.74 -27.26 -0.03
C GLY D 138 -42.14 -27.00 0.49
N ARG D 139 -42.69 -27.95 1.22
CA ARG D 139 -44.01 -27.77 1.77
C ARG D 139 -43.90 -27.06 3.10
N GLY D 140 -43.12 -27.60 4.00
CA GLY D 140 -42.91 -26.95 5.29
C GLY D 140 -42.87 -27.90 6.47
N THR D 141 -42.38 -27.38 7.62
CA THR D 141 -42.31 -28.09 8.91
C THR D 141 -42.62 -27.13 10.02
N GLN D 142 -43.61 -27.45 10.84
CA GLN D 142 -43.96 -26.58 11.93
C GLN D 142 -42.97 -26.75 13.08
N VAL D 143 -42.46 -25.63 13.57
CA VAL D 143 -41.59 -25.56 14.74
C VAL D 143 -42.32 -24.69 15.75
N THR D 144 -42.52 -25.21 16.95
CA THR D 144 -43.19 -24.48 18.03
C THR D 144 -42.31 -24.48 19.31
N VAL D 145 -41.95 -23.29 19.79
CA VAL D 145 -41.13 -23.09 21.00
C VAL D 145 -42.04 -22.39 22.04
N SER D 146 -42.19 -23.01 23.24
CA SER D 146 -43.05 -22.46 24.29
C SER D 146 -42.30 -22.01 25.53
N SER D 147 -43.01 -21.23 26.37
CA SER D 147 -42.54 -20.64 27.63
C SER D 147 -42.17 -21.68 28.66
#